data_3KK7
#
_entry.id   3KK7
#
_cell.length_a   78.400
_cell.length_b   127.200
_cell.length_c   138.250
_cell.angle_alpha   90.00
_cell.angle_beta   90.00
_cell.angle_gamma   90.00
#
_symmetry.space_group_name_H-M   'P 21 21 21'
#
loop_
_entity.id
_entity.type
_entity.pdbx_description
1 polymer 'Putative cell invasion protein with MAC/Perforin domain'
2 non-polymer 'CHLORIDE ION'
3 non-polymer 1,2-ETHANEDIOL
4 non-polymer (4S)-2-METHYL-2,4-PENTANEDIOL
5 water water
#
_entity_poly.entity_id   1
_entity_poly.type   'polypeptide(L)'
_entity_poly.pdbx_seq_one_letter_code
;GNEEETNNYTPVDNQSNSTSEIILQERNSSLPRVWSKKTAQRVTTRASFTDATDFLGCSYAVENGTSIIGDFANAKYPVV
N(MSE)KKLLERYPSYINPKELRTTETKALSYSDFDRLEKNKTFTKTVKSGFSLNLGPFKFGRQKTIKETFVHNTDDSEK
VVHGELSIEVVNG(MSE)LNLQTAPSALRKIAADYLDELFVDALYNSS(MSE)VEL(MSE)QSYGEFVLTGYYTGGRASA
LFYGVDTNSIQFDSKEKD(MSE)DVAINASYEWKNKKPTAPSDTIHSASGNLSIGTKRENSETITNKFSALSYSIKTLGG
AYGYSISTPPYDITNYSIDLTPWLQSLNDPKTHT(MSE)IDLQDGGLYPISDFILEENFKQRYNDTH(MSE)DFQYQESL
EEPYIEIIK(MSE)YIRKSNSGEKLYDIVPVLNTRQGDKLIFSNPDAASQSDEELKANSIPATFLTKSNAIKDEKSKYYQ
LKIKADPNKTINPIIQTTLSFQINNVDEKG(MSE)YKFKNANTNIWYIYNPTS(MSE)YCFAYYDDDYIPDAYGILDWVN
GIPIKAVT(MSE)TTLYQRYKIYGL
;
_entity_poly.pdbx_strand_id   A,B
#
# COMPACT_ATOMS: atom_id res chain seq x y z
N THR A 19 -15.71 -19.32 -4.87
CA THR A 19 -16.99 -19.36 -5.64
C THR A 19 -17.65 -20.77 -5.68
N SER A 20 -16.87 -21.79 -6.06
CA SER A 20 -17.27 -23.20 -5.92
C SER A 20 -16.55 -23.84 -4.71
N GLU A 21 -16.19 -22.98 -3.76
CA GLU A 21 -15.62 -23.36 -2.47
C GLU A 21 -16.77 -23.90 -1.63
N ILE A 22 -16.54 -24.97 -0.89
CA ILE A 22 -17.59 -25.52 -0.02
C ILE A 22 -16.98 -25.98 1.32
N ILE A 23 -17.60 -25.54 2.43
CA ILE A 23 -17.09 -25.91 3.75
C ILE A 23 -17.43 -27.36 4.05
N LEU A 24 -16.46 -28.13 4.53
CA LEU A 24 -16.73 -29.48 5.00
C LEU A 24 -16.78 -29.53 6.53
N GLN A 25 -16.16 -28.56 7.19
CA GLN A 25 -16.22 -28.44 8.64
C GLN A 25 -16.10 -26.97 9.02
N GLU A 26 -17.09 -26.48 9.77
CA GLU A 26 -17.01 -25.11 10.32
C GLU A 26 -15.87 -25.16 11.35
N ARG A 27 -15.16 -24.06 11.52
CA ARG A 27 -14.22 -23.99 12.63
C ARG A 27 -15.00 -24.21 13.93
N ASN A 28 -14.56 -25.17 14.74
CA ASN A 28 -15.21 -25.41 16.01
C ASN A 28 -15.40 -24.09 16.78
N SER A 29 -16.67 -23.80 17.06
CA SER A 29 -17.09 -22.49 17.55
C SER A 29 -16.63 -22.13 18.97
N SER A 30 -16.20 -23.12 19.76
CA SER A 30 -15.74 -22.84 21.11
C SER A 30 -14.24 -22.52 21.16
N LEU A 31 -13.54 -22.72 20.04
CA LEU A 31 -12.15 -22.27 19.92
C LEU A 31 -12.12 -20.75 19.89
N PRO A 32 -11.08 -20.13 20.50
CA PRO A 32 -11.00 -18.66 20.38
C PRO A 32 -10.63 -18.24 18.93
N ARG A 33 -10.78 -16.95 18.64
CA ARG A 33 -10.36 -16.37 17.37
C ARG A 33 -9.16 -15.48 17.59
N VAL A 34 -8.06 -16.06 18.06
CA VAL A 34 -6.88 -15.26 18.33
C VAL A 34 -5.70 -15.82 17.55
N TRP A 35 -5.22 -15.00 16.61
CA TRP A 35 -4.15 -15.38 15.71
C TRP A 35 -2.80 -14.80 16.14
N SER A 36 -2.79 -13.87 17.10
CA SER A 36 -1.55 -13.29 17.57
C SER A 36 -1.67 -12.72 18.98
N LYS A 37 -0.54 -12.38 19.59
CA LYS A 37 -0.49 -11.69 20.88
C LYS A 37 0.52 -10.57 20.74
N LYS A 38 0.15 -9.35 21.12
CA LYS A 38 1.08 -8.22 21.04
C LYS A 38 1.92 -8.16 22.30
N THR A 39 2.89 -9.07 22.43
CA THR A 39 3.77 -9.14 23.62
C THR A 39 4.81 -8.01 23.65
N PHE A 49 22.86 -0.11 24.73
CA PHE A 49 24.17 -0.07 24.08
C PHE A 49 25.22 0.77 24.85
N THR A 50 25.74 0.16 25.94
CA THR A 50 26.85 0.73 26.77
C THR A 50 28.09 1.03 25.88
N ASP A 51 28.70 -0.03 25.35
CA ASP A 51 29.90 0.08 24.55
C ASP A 51 29.73 -0.46 23.11
N ALA A 52 30.77 -0.21 22.32
CA ALA A 52 30.85 -0.46 20.90
C ALA A 52 30.74 -1.93 20.50
N THR A 53 30.92 -2.84 21.44
CA THR A 53 30.89 -4.25 21.15
C THR A 53 29.47 -4.84 21.24
N ASP A 54 28.56 -4.09 21.85
CA ASP A 54 27.18 -4.59 22.04
C ASP A 54 26.31 -4.56 20.79
N PHE A 55 26.77 -4.05 19.65
CA PHE A 55 25.90 -4.05 18.46
C PHE A 55 25.88 -5.39 17.75
N LEU A 56 26.83 -6.26 18.07
CA LEU A 56 26.96 -7.50 17.35
C LEU A 56 25.76 -8.38 17.61
N GLY A 57 25.23 -8.98 16.57
CA GLY A 57 24.06 -9.86 16.67
C GLY A 57 22.73 -9.14 16.82
N CYS A 58 22.75 -7.82 16.68
CA CYS A 58 21.52 -7.03 16.67
C CYS A 58 20.98 -6.85 15.28
N SER A 59 19.69 -6.61 15.23
CA SER A 59 19.06 -6.29 13.97
C SER A 59 19.53 -4.89 13.52
N TYR A 60 19.44 -4.69 12.21
CA TYR A 60 19.87 -3.48 11.59
C TYR A 60 18.77 -2.99 10.64
N ALA A 61 18.45 -1.70 10.70
CA ALA A 61 17.32 -1.12 9.94
C ALA A 61 17.75 -0.37 8.69
N VAL A 62 17.31 -0.84 7.54
CA VAL A 62 17.66 -0.21 6.27
C VAL A 62 16.55 0.78 5.91
N GLU A 63 15.37 0.25 5.57
CA GLU A 63 14.24 1.06 5.09
C GLU A 63 13.83 2.16 6.03
N ASN A 64 13.79 1.86 7.32
CA ASN A 64 13.33 2.82 8.30
C ASN A 64 14.44 3.39 9.15
N GLY A 65 15.67 3.40 8.65
CA GLY A 65 16.79 3.93 9.42
C GLY A 65 17.19 5.29 8.92
N THR A 66 18.35 5.73 9.33
CA THR A 66 18.90 7.01 8.91
C THR A 66 19.41 7.01 7.45
N SER A 67 19.68 5.81 6.91
CA SER A 67 20.19 5.59 5.54
C SER A 67 21.70 5.81 5.44
N ILE A 68 22.35 6.09 6.59
CA ILE A 68 23.80 6.14 6.64
C ILE A 68 24.23 4.71 6.98
N ILE A 69 24.98 4.13 6.05
CA ILE A 69 25.43 2.74 6.13
C ILE A 69 26.35 2.56 7.33
N GLY A 70 25.97 1.65 8.22
CA GLY A 70 26.79 1.33 9.38
C GLY A 70 26.61 2.24 10.58
N ASP A 71 25.69 3.19 10.48
CA ASP A 71 25.35 4.12 11.55
C ASP A 71 24.74 3.34 12.73
N PHE A 72 25.32 3.52 13.92
CA PHE A 72 24.89 2.84 15.12
C PHE A 72 23.42 3.05 15.43
N ALA A 73 22.87 4.21 15.09
CA ALA A 73 21.44 4.49 15.27
C ALA A 73 20.53 3.44 14.59
N ASN A 74 20.99 2.82 13.50
CA ASN A 74 20.18 1.84 12.80
C ASN A 74 20.23 0.45 13.46
N ALA A 75 21.09 0.29 14.45
CA ALA A 75 21.09 -0.94 15.26
C ALA A 75 19.85 -0.91 16.12
N LYS A 76 19.02 -1.95 16.07
CA LYS A 76 17.75 -1.88 16.79
C LYS A 76 17.67 -2.77 18.03
N TYR A 77 17.38 -4.06 17.87
CA TYR A 77 17.25 -4.97 19.00
C TYR A 77 18.05 -6.25 18.81
N PRO A 78 18.32 -6.92 19.92
CA PRO A 78 19.14 -8.12 19.79
C PRO A 78 18.38 -9.24 19.11
N VAL A 79 19.05 -9.91 18.18
CA VAL A 79 18.54 -11.15 17.59
C VAL A 79 19.28 -12.34 18.24
N VAL A 80 20.60 -12.25 18.27
CA VAL A 80 21.39 -13.25 18.98
C VAL A 80 21.53 -12.83 20.43
N ASN A 81 21.26 -13.76 21.35
CA ASN A 81 21.62 -13.55 22.77
C ASN A 81 23.13 -13.78 22.94
N LYS A 83 25.39 -12.59 25.18
CA LYS A 83 25.89 -12.92 26.49
C LYS A 83 25.77 -14.43 26.69
N LYS A 84 24.63 -14.99 26.37
CA LYS A 84 24.45 -16.44 26.54
C LYS A 84 25.38 -17.24 25.63
N LEU A 85 25.50 -16.81 24.39
CA LEU A 85 26.36 -17.52 23.43
C LEU A 85 27.80 -17.53 23.89
N LEU A 86 28.29 -16.40 24.37
CA LEU A 86 29.72 -16.29 24.67
C LEU A 86 30.06 -16.98 25.97
N GLU A 87 29.08 -17.13 26.83
CA GLU A 87 29.24 -17.91 28.03
C GLU A 87 29.52 -19.41 27.78
N ARG A 88 29.07 -19.90 26.63
CA ARG A 88 29.31 -21.29 26.23
C ARG A 88 30.47 -21.40 25.20
N TYR A 89 30.46 -20.52 24.19
CA TYR A 89 31.46 -20.53 23.11
C TYR A 89 32.11 -19.16 22.92
N PRO A 90 33.09 -18.81 23.75
CA PRO A 90 33.67 -17.45 23.65
C PRO A 90 34.32 -17.08 22.31
N SER A 91 34.70 -18.10 21.53
CA SER A 91 35.41 -17.87 20.27
C SER A 91 34.44 -17.46 19.14
N TYR A 92 33.12 -17.42 19.38
CA TYR A 92 32.18 -16.95 18.37
C TYR A 92 32.32 -15.45 18.07
N ILE A 93 32.95 -14.72 18.98
CA ILE A 93 33.18 -13.30 18.79
C ILE A 93 34.65 -13.15 18.49
N ASN A 94 35.03 -12.15 17.73
CA ASN A 94 36.40 -11.99 17.31
C ASN A 94 36.69 -10.52 17.05
N PRO A 95 37.23 -9.83 18.06
CA PRO A 95 37.60 -8.43 17.91
C PRO A 95 39.02 -8.28 17.38
N LYS A 96 39.29 -7.20 16.66
CA LYS A 96 40.64 -6.91 16.17
CA LYS A 96 40.63 -6.91 16.18
C LYS A 96 40.88 -5.40 16.20
N GLU A 97 41.92 -5.00 16.92
CA GLU A 97 42.37 -3.62 16.91
C GLU A 97 42.67 -3.15 15.47
N LEU A 98 42.26 -1.92 15.18
CA LEU A 98 42.67 -1.21 13.97
C LEU A 98 43.11 0.20 14.34
N ARG A 99 43.93 0.81 13.50
CA ARG A 99 44.31 2.19 13.71
C ARG A 99 44.51 2.75 12.33
N THR A 100 43.40 3.19 11.73
CA THR A 100 43.42 3.82 10.40
C THR A 100 42.42 4.94 10.32
N THR A 101 42.50 5.67 9.22
CA THR A 101 41.57 6.75 8.90
C THR A 101 41.06 6.41 7.53
N GLU A 102 39.89 6.91 7.19
CA GLU A 102 39.25 6.60 5.91
C GLU A 102 38.41 7.80 5.48
N THR A 103 38.56 8.23 4.24
CA THR A 103 37.61 9.16 3.65
C THR A 103 37.04 8.53 2.37
N LYS A 104 35.74 8.71 2.18
CA LYS A 104 35.07 8.22 0.99
C LYS A 104 34.10 9.33 0.62
N ALA A 105 33.98 9.60 -0.67
CA ALA A 105 33.00 10.56 -1.19
C ALA A 105 32.20 9.86 -2.27
N LEU A 106 30.92 10.17 -2.34
CA LEU A 106 30.05 9.61 -3.38
C LEU A 106 29.16 10.70 -3.96
N SER A 107 29.15 10.79 -5.29
CA SER A 107 28.24 11.68 -5.98
C SER A 107 27.27 10.84 -6.78
N TYR A 108 26.01 11.26 -6.79
CA TYR A 108 24.95 10.51 -7.46
C TYR A 108 23.82 11.42 -7.92
N SER A 109 23.52 11.32 -9.21
CA SER A 109 22.47 12.10 -9.87
C SER A 109 21.08 11.57 -9.63
N ASP A 110 20.98 10.38 -9.06
CA ASP A 110 19.67 9.83 -8.78
C ASP A 110 19.83 8.63 -7.88
N PHE A 111 18.71 8.05 -7.46
CA PHE A 111 18.73 7.06 -6.40
C PHE A 111 19.12 5.67 -6.88
N ASP A 112 19.16 5.43 -8.19
CA ASP A 112 19.78 4.20 -8.68
C ASP A 112 21.28 4.38 -8.69
N ARG A 113 21.72 5.56 -9.11
CA ARG A 113 23.15 5.86 -9.10
C ARG A 113 23.73 5.85 -7.68
N LEU A 114 22.89 5.98 -6.64
CA LEU A 114 23.32 5.88 -5.23
C LEU A 114 24.23 4.67 -5.00
N GLU A 115 23.90 3.58 -5.68
CA GLU A 115 24.64 2.32 -5.58
C GLU A 115 25.65 2.07 -6.72
N LYS A 116 26.04 3.11 -7.44
CA LYS A 116 27.02 2.96 -8.51
C LYS A 116 28.34 2.30 -8.04
N ASN A 117 28.74 2.52 -6.79
CA ASN A 117 29.92 1.86 -6.20
C ASN A 117 29.57 0.70 -5.27
N LYS A 118 28.32 0.27 -5.34
CA LYS A 118 27.83 -0.83 -4.55
C LYS A 118 28.14 -0.70 -3.05
N THR A 119 28.09 0.53 -2.54
CA THR A 119 28.48 0.83 -1.17
C THR A 119 27.69 0.00 -0.14
N PHE A 120 26.36 0.01 -0.28
CA PHE A 120 25.47 -0.80 0.59
C PHE A 120 25.46 -2.28 0.18
N THR A 121 25.35 -2.52 -1.13
CA THR A 121 25.29 -3.86 -1.69
C THR A 121 26.34 -4.80 -1.14
N LYS A 122 27.57 -4.32 -1.07
CA LYS A 122 28.68 -5.17 -0.67
C LYS A 122 28.73 -5.44 0.83
N THR A 123 27.96 -4.67 1.63
CA THR A 123 27.82 -4.95 3.07
C THR A 123 26.93 -6.17 3.37
N VAL A 124 26.06 -6.54 2.44
CA VAL A 124 25.18 -7.68 2.65
C VAL A 124 25.88 -8.94 2.19
N LYS A 125 25.67 -10.00 2.96
CA LYS A 125 26.23 -11.31 2.68
C LYS A 125 26.20 -11.68 1.20
N SER A 126 27.37 -11.92 0.66
CA SER A 126 27.54 -12.37 -0.68
C SER A 126 26.65 -13.55 -1.00
N GLY A 127 25.91 -13.42 -2.11
CA GLY A 127 25.04 -14.48 -2.58
C GLY A 127 23.57 -14.33 -2.21
N PHE A 128 23.25 -13.50 -1.22
CA PHE A 128 21.86 -13.28 -0.84
C PHE A 128 21.15 -12.41 -1.88
N SER A 129 19.89 -12.70 -2.18
CA SER A 129 19.11 -11.87 -3.13
C SER A 129 18.73 -10.56 -2.47
N LEU A 130 19.46 -9.52 -2.81
CA LEU A 130 19.26 -8.24 -2.16
C LEU A 130 18.29 -7.35 -2.94
N ASN A 131 17.26 -6.85 -2.26
CA ASN A 131 16.37 -5.85 -2.78
C ASN A 131 16.89 -4.49 -2.35
N LEU A 132 17.34 -3.70 -3.31
CA LEU A 132 17.85 -2.37 -3.03
C LEU A 132 16.79 -1.28 -2.86
N GLY A 133 15.55 -1.56 -3.30
CA GLY A 133 14.45 -0.58 -3.21
C GLY A 133 14.33 0.13 -1.86
N PRO A 134 14.27 -0.64 -0.77
CA PRO A 134 14.12 0.03 0.54
C PRO A 134 15.30 0.91 0.94
N PHE A 135 16.51 0.47 0.63
CA PHE A 135 17.67 1.30 0.89
C PHE A 135 17.55 2.61 0.11
N LYS A 136 17.24 2.52 -1.18
CA LYS A 136 17.16 3.72 -2.03
C LYS A 136 16.03 4.64 -1.59
N PHE A 137 14.92 4.03 -1.20
CA PHE A 137 13.78 4.77 -0.70
C PHE A 137 14.14 5.56 0.57
N GLY A 138 14.83 4.90 1.49
CA GLY A 138 15.25 5.53 2.74
C GLY A 138 16.20 6.67 2.53
N ARG A 139 17.11 6.54 1.57
CA ARG A 139 18.03 7.62 1.35
C ARG A 139 17.24 8.83 0.84
N GLN A 140 16.37 8.61 -0.15
CA GLN A 140 15.59 9.70 -0.71
C GLN A 140 14.72 10.36 0.35
N LYS A 141 14.13 9.54 1.22
CA LYS A 141 13.29 10.04 2.30
C LYS A 141 14.10 10.98 3.22
N THR A 142 15.32 10.56 3.56
CA THR A 142 16.21 11.36 4.36
C THR A 142 16.59 12.64 3.64
N ILE A 143 16.96 12.53 2.36
CA ILE A 143 17.34 13.74 1.62
C ILE A 143 16.17 14.73 1.70
N LYS A 144 14.97 14.25 1.43
CA LYS A 144 13.80 15.11 1.43
C LYS A 144 13.53 15.73 2.81
N GLU A 145 13.85 15.03 3.89
CA GLU A 145 13.62 15.56 5.24
C GLU A 145 14.73 16.46 5.67
N THR A 146 15.94 16.28 5.12
CA THR A 146 17.12 17.02 5.56
C THR A 146 17.27 18.35 4.88
N PHE A 147 16.75 18.43 3.67
CA PHE A 147 16.92 19.63 2.87
C PHE A 147 15.59 20.32 2.71
N VAL A 148 15.64 21.64 2.80
CA VAL A 148 14.47 22.48 2.74
C VAL A 148 13.73 22.07 1.47
N HIS A 149 12.41 22.10 1.57
CA HIS A 149 11.50 21.84 0.46
C HIS A 149 11.89 22.64 -0.82
N ASN A 150 11.82 22.00 -1.99
CA ASN A 150 12.33 22.59 -3.27
C ASN A 150 11.34 22.64 -4.42
N THR A 151 11.53 23.62 -5.30
CA THR A 151 10.89 23.68 -6.62
C THR A 151 11.80 23.06 -7.68
N ASP A 152 12.99 22.62 -7.25
CA ASP A 152 14.10 22.28 -8.18
C ASP A 152 13.72 21.26 -9.26
N ASP A 153 14.23 21.53 -10.47
CA ASP A 153 14.08 20.66 -11.63
C ASP A 153 15.04 19.50 -11.44
N SER A 154 14.49 18.33 -11.14
CA SER A 154 15.32 17.16 -10.89
C SER A 154 16.47 16.96 -11.92
N GLU A 155 16.29 17.44 -13.14
CA GLU A 155 17.34 17.34 -14.17
C GLU A 155 18.63 17.97 -13.75
N LYS A 156 18.54 19.05 -12.99
CA LYS A 156 19.71 19.76 -12.52
C LYS A 156 20.25 19.27 -11.17
N VAL A 157 19.50 18.41 -10.51
CA VAL A 157 19.84 17.95 -9.19
C VAL A 157 20.94 16.88 -9.19
N VAL A 158 21.91 17.04 -8.30
CA VAL A 158 22.85 15.96 -8.01
C VAL A 158 23.09 15.90 -6.50
N HIS A 159 23.29 14.68 -5.99
CA HIS A 159 23.49 14.44 -4.56
C HIS A 159 24.91 14.01 -4.24
N GLY A 160 25.31 14.25 -2.99
CA GLY A 160 26.68 13.96 -2.52
C GLY A 160 26.66 13.37 -1.11
N GLU A 161 27.63 12.51 -0.82
CA GLU A 161 27.84 12.01 0.54
C GLU A 161 29.32 11.98 0.84
N LEU A 162 29.69 12.36 2.05
CA LEU A 162 31.09 12.30 2.48
C LEU A 162 31.15 11.47 3.74
N SER A 163 32.23 10.71 3.91
CA SER A 163 32.46 9.98 5.14
C SER A 163 33.88 10.20 5.63
N ILE A 164 34.00 10.55 6.90
CA ILE A 164 35.27 10.84 7.52
C ILE A 164 35.28 9.96 8.75
N GLU A 165 36.20 9.01 8.79
CA GLU A 165 36.20 7.97 9.82
C GLU A 165 37.55 7.80 10.50
N VAL A 166 37.54 7.82 11.82
CA VAL A 166 38.70 7.38 12.56
C VAL A 166 38.36 5.97 13.02
N VAL A 167 39.09 4.99 12.49
CA VAL A 167 38.75 3.61 12.70
C VAL A 167 39.69 3.06 13.75
N ASN A 168 39.09 2.44 14.76
CA ASN A 168 39.86 1.95 15.86
C ASN A 168 39.70 0.46 16.11
N GLY A 169 38.58 -0.10 15.68
CA GLY A 169 38.35 -1.51 15.87
C GLY A 169 37.46 -2.15 14.82
N LEU A 171 34.77 -5.77 14.71
CA LEU A 171 34.12 -6.86 15.44
C LEU A 171 33.47 -7.79 14.48
N ASN A 172 33.61 -9.09 14.72
CA ASN A 172 33.00 -10.11 13.88
C ASN A 172 32.34 -11.20 14.70
N LEU A 173 31.15 -11.63 14.27
CA LEU A 173 30.52 -12.82 14.80
C LEU A 173 30.83 -13.94 13.83
N GLN A 174 31.09 -15.12 14.37
CA GLN A 174 31.32 -16.32 13.59
C GLN A 174 30.13 -16.57 12.69
N THR A 175 30.36 -16.76 11.39
CA THR A 175 29.23 -17.00 10.50
C THR A 175 29.25 -18.32 9.71
N ALA A 176 30.09 -19.28 10.09
CA ALA A 176 30.01 -20.59 9.45
C ALA A 176 28.57 -21.10 9.61
N PRO A 177 28.00 -21.63 8.50
CA PRO A 177 26.62 -22.10 8.51
C PRO A 177 26.27 -22.95 9.71
N SER A 178 27.18 -23.85 10.10
CA SER A 178 26.97 -24.71 11.26
C SER A 178 26.93 -23.92 12.58
N ALA A 179 27.69 -22.85 12.65
CA ALA A 179 27.59 -21.91 13.74
C ALA A 179 26.20 -21.27 13.73
N LEU A 180 25.79 -20.73 12.58
CA LEU A 180 24.54 -20.03 12.48
C LEU A 180 23.38 -20.94 12.87
N ARG A 181 23.47 -22.19 12.50
CA ARG A 181 22.37 -23.08 12.88
C ARG A 181 22.31 -23.32 14.39
N LYS A 182 23.47 -23.48 15.02
CA LYS A 182 23.53 -23.63 16.46
C LYS A 182 22.89 -22.44 17.12
N ILE A 183 23.19 -21.23 16.61
CA ILE A 183 22.66 -19.99 17.18
C ILE A 183 21.13 -19.98 17.04
N ALA A 184 20.65 -20.36 15.87
CA ALA A 184 19.21 -20.40 15.56
C ALA A 184 18.45 -21.32 16.53
N ALA A 185 18.99 -22.52 16.71
CA ALA A 185 18.46 -23.56 17.60
C ALA A 185 18.34 -23.18 19.08
N ASP A 186 19.35 -22.47 19.60
CA ASP A 186 19.50 -22.30 21.06
C ASP A 186 19.89 -20.92 21.59
N TYR A 187 20.35 -19.99 20.77
CA TYR A 187 20.91 -18.73 21.27
C TYR A 187 20.20 -17.43 20.82
N LEU A 188 18.95 -17.55 20.38
CA LEU A 188 18.18 -16.39 19.99
C LEU A 188 17.64 -15.64 21.22
N ASP A 189 17.57 -14.31 21.08
CA ASP A 189 17.02 -13.46 22.11
C ASP A 189 15.56 -13.84 22.28
N GLU A 190 15.08 -13.93 23.51
CA GLU A 190 13.69 -14.37 23.71
C GLU A 190 12.65 -13.37 23.12
N LEU A 191 12.96 -12.08 23.06
CA LEU A 191 11.98 -11.14 22.50
C LEU A 191 11.96 -11.26 20.97
N PHE A 192 13.09 -11.63 20.37
CA PHE A 192 13.08 -11.98 18.95
C PHE A 192 12.27 -13.27 18.68
N VAL A 193 12.42 -14.29 19.54
CA VAL A 193 11.58 -15.48 19.44
C VAL A 193 10.13 -15.08 19.59
N ASP A 194 9.83 -14.17 20.50
CA ASP A 194 8.47 -13.66 20.62
C ASP A 194 7.92 -13.12 19.31
N ALA A 195 8.72 -12.29 18.63
CA ALA A 195 8.26 -11.62 17.40
C ALA A 195 8.09 -12.64 16.30
N LEU A 196 8.93 -13.66 16.34
CA LEU A 196 8.92 -14.74 15.34
C LEU A 196 7.60 -15.51 15.36
N TYR A 197 7.11 -15.83 16.55
CA TYR A 197 5.88 -16.59 16.67
C TYR A 197 4.62 -15.79 17.00
N ASN A 198 4.73 -14.55 17.46
CA ASN A 198 3.54 -13.82 17.90
C ASN A 198 3.15 -12.62 17.07
N SER A 199 3.89 -12.37 16.00
CA SER A 199 3.55 -11.33 15.06
C SER A 199 3.88 -11.90 13.67
N SER A 200 3.54 -11.14 12.64
CA SER A 200 3.78 -11.56 11.28
C SER A 200 5.20 -11.18 10.93
N VAL A 202 6.06 -9.49 8.48
CA VAL A 202 5.96 -8.08 8.13
C VAL A 202 6.18 -7.21 9.38
N GLU A 203 5.46 -7.53 10.46
CA GLU A 203 5.53 -6.80 11.72
C GLU A 203 6.92 -6.91 12.38
N LEU A 204 7.49 -8.11 12.34
CA LEU A 204 8.82 -8.37 12.87
C LEU A 204 9.82 -7.49 12.13
N GLN A 206 9.27 -4.67 10.61
CA GLN A 206 9.01 -3.26 10.92
C GLN A 206 9.69 -2.85 12.23
N SER A 207 9.63 -3.74 13.20
CA SER A 207 10.18 -3.46 14.48
C SER A 207 11.72 -3.66 14.54
N TYR A 208 12.22 -4.80 14.03
CA TYR A 208 13.65 -5.13 14.08
C TYR A 208 14.49 -4.54 12.94
N GLY A 209 13.91 -4.37 11.75
CA GLY A 209 14.71 -4.16 10.55
C GLY A 209 14.88 -5.47 9.78
N GLU A 210 15.78 -5.48 8.81
CA GLU A 210 15.88 -6.57 7.87
C GLU A 210 17.11 -7.46 8.01
N PHE A 211 18.11 -7.01 8.76
CA PHE A 211 19.38 -7.72 8.79
C PHE A 211 19.97 -7.84 10.18
N VAL A 212 20.91 -8.79 10.31
CA VAL A 212 21.64 -8.98 11.58
C VAL A 212 23.09 -8.57 11.42
N LEU A 213 23.57 -7.76 12.36
CA LEU A 213 24.97 -7.30 12.35
C LEU A 213 25.96 -8.45 12.71
N THR A 214 26.80 -8.84 11.75
CA THR A 214 27.85 -9.84 11.94
C THR A 214 29.27 -9.27 11.78
N GLY A 215 29.40 -8.12 11.09
CA GLY A 215 30.73 -7.51 10.83
C GLY A 215 30.71 -5.99 10.68
N TYR A 216 31.29 -5.28 11.65
CA TYR A 216 31.31 -3.84 11.57
C TYR A 216 32.61 -3.25 12.06
N TYR A 217 32.75 -1.93 11.89
CA TYR A 217 33.90 -1.19 12.40
C TYR A 217 33.48 -0.29 13.53
N THR A 218 34.41 -0.01 14.44
CA THR A 218 34.16 0.94 15.52
C THR A 218 35.12 2.10 15.45
N GLY A 219 34.65 3.23 15.97
CA GLY A 219 35.46 4.42 16.06
C GLY A 219 34.59 5.66 16.17
N GLY A 220 34.98 6.69 15.42
CA GLY A 220 34.18 7.91 15.25
C GLY A 220 33.99 8.20 13.76
N ARG A 221 32.94 8.89 13.37
CA ARG A 221 32.71 9.21 11.95
C ARG A 221 31.98 10.52 11.81
N ALA A 222 32.39 11.36 10.85
CA ALA A 222 31.56 12.48 10.46
C ALA A 222 30.99 12.12 9.08
N SER A 223 29.69 12.36 8.92
CA SER A 223 28.94 12.00 7.74
C SER A 223 28.25 13.25 7.28
N ALA A 224 28.41 13.58 6.01
CA ALA A 224 27.84 14.79 5.43
C ALA A 224 27.10 14.41 4.15
N LEU A 225 25.88 14.94 3.99
CA LEU A 225 25.12 14.79 2.77
C LEU A 225 25.06 16.14 2.09
N PHE A 226 25.07 16.12 0.76
CA PHE A 226 25.05 17.32 -0.05
C PHE A 226 23.89 17.29 -1.04
N TYR A 227 23.34 18.48 -1.26
CA TYR A 227 22.29 18.66 -2.24
C TYR A 227 22.63 19.86 -3.11
N GLY A 228 22.98 19.59 -4.36
CA GLY A 228 23.37 20.62 -5.35
C GLY A 228 22.44 20.78 -6.56
N VAL A 229 22.28 22.04 -6.99
CA VAL A 229 21.63 22.34 -8.26
C VAL A 229 22.74 22.75 -9.24
N ASP A 230 23.03 21.86 -10.19
CA ASP A 230 24.07 22.10 -11.15
C ASP A 230 23.53 23.11 -12.17
N THR A 231 24.25 24.21 -12.29
CA THR A 231 23.83 25.34 -13.10
C THR A 231 23.71 24.99 -14.58
N ASN A 232 24.67 24.23 -15.08
CA ASN A 232 24.76 24.02 -16.52
C ASN A 232 24.79 22.60 -17.08
N SER A 233 24.93 21.58 -16.23
CA SER A 233 24.93 20.21 -16.73
C SER A 233 23.71 19.49 -16.24
N ILE A 234 23.08 18.72 -17.13
CA ILE A 234 21.99 17.83 -16.77
C ILE A 234 22.37 16.33 -16.89
N GLN A 235 23.49 16.06 -17.56
CA GLN A 235 24.00 14.71 -17.74
C GLN A 235 24.46 14.13 -16.42
N PHE A 236 24.00 12.91 -16.14
CA PHE A 236 24.31 12.24 -14.89
C PHE A 236 25.81 12.26 -14.57
N ASP A 237 26.64 12.04 -15.58
CA ASP A 237 28.05 11.91 -15.31
C ASP A 237 28.69 13.27 -15.08
N SER A 238 28.35 14.24 -15.90
CA SER A 238 28.88 15.59 -15.72
C SER A 238 28.56 16.16 -14.31
N LYS A 239 27.31 15.99 -13.87
CA LYS A 239 26.90 16.50 -12.57
C LYS A 239 27.68 15.79 -11.47
N GLU A 240 27.88 14.49 -11.64
CA GLU A 240 28.64 13.69 -10.65
C GLU A 240 30.11 14.15 -10.55
N LYS A 241 30.74 14.47 -11.69
CA LYS A 241 32.10 15.00 -11.69
C LYS A 241 32.09 16.38 -11.02
N ASP A 242 31.06 17.18 -11.28
CA ASP A 242 30.96 18.47 -10.59
C ASP A 242 30.85 18.28 -9.07
N ASP A 244 31.74 15.51 -7.30
CA ASP A 244 33.04 14.95 -6.94
C ASP A 244 34.06 16.08 -6.62
N VAL A 245 34.09 17.11 -7.46
CA VAL A 245 35.03 18.23 -7.28
C VAL A 245 34.61 19.08 -6.11
N ALA A 246 33.31 19.30 -5.97
CA ALA A 246 32.81 20.16 -4.92
C ALA A 246 33.05 19.54 -3.54
N ILE A 247 32.62 18.30 -3.39
CA ILE A 247 32.84 17.59 -2.12
C ILE A 247 34.30 17.71 -1.71
N ASN A 248 35.18 17.42 -2.66
CA ASN A 248 36.60 17.42 -2.42
C ASN A 248 37.19 18.80 -2.12
N ALA A 249 36.55 19.88 -2.55
CA ALA A 249 37.00 21.23 -2.20
C ALA A 249 36.32 21.77 -0.93
N SER A 250 35.46 20.95 -0.31
CA SER A 250 34.55 21.45 0.73
C SER A 250 34.82 20.95 2.12
N TYR A 251 35.98 20.33 2.34
CA TYR A 251 36.36 19.98 3.70
C TYR A 251 37.85 20.01 3.81
N GLU A 252 38.36 20.03 5.03
CA GLU A 252 39.77 20.01 5.24
C GLU A 252 40.13 19.09 6.41
N TRP A 253 41.00 18.13 6.14
CA TRP A 253 41.59 17.32 7.19
C TRP A 253 43.12 17.51 7.12
N LYS A 254 43.66 18.42 7.93
CA LYS A 254 45.10 18.63 8.04
C LYS A 254 45.69 17.60 8.99
N ASN A 255 46.79 16.95 8.60
CA ASN A 255 47.52 16.03 9.49
C ASN A 255 46.63 14.87 9.98
N LYS A 256 46.08 14.09 9.05
CA LYS A 256 45.07 13.06 9.37
C LYS A 256 45.64 11.82 10.08
N LYS A 257 46.20 12.04 11.27
CA LYS A 257 46.75 10.95 12.11
C LYS A 257 45.59 10.11 12.67
N PRO A 258 45.80 8.78 12.84
CA PRO A 258 44.81 7.91 13.53
C PRO A 258 45.09 7.73 15.03
N THR A 259 44.26 6.90 15.69
CA THR A 259 44.54 6.39 17.04
C THR A 259 44.45 7.49 18.10
N GLY A 270 45.54 17.00 14.68
CA GLY A 270 44.95 17.30 13.38
C GLY A 270 43.75 18.26 13.45
N ASN A 271 43.48 18.99 12.37
CA ASN A 271 42.37 19.93 12.30
C ASN A 271 41.38 19.42 11.29
N LEU A 272 40.10 19.49 11.62
CA LEU A 272 39.05 19.01 10.72
C LEU A 272 37.92 20.04 10.60
N SER A 273 37.54 20.37 9.37
CA SER A 273 36.43 21.29 9.17
C SER A 273 35.77 21.00 7.86
N ILE A 274 34.48 21.29 7.83
CA ILE A 274 33.68 21.17 6.61
C ILE A 274 33.17 22.57 6.24
N GLY A 275 33.01 22.83 4.95
CA GLY A 275 32.62 24.14 4.43
C GLY A 275 33.76 24.72 3.61
N THR A 276 33.45 25.54 2.62
CA THR A 276 34.48 26.22 1.85
C THR A 276 34.58 27.67 2.31
N LYS A 277 35.66 28.34 1.95
CA LYS A 277 35.73 29.80 2.06
C LYS A 277 36.50 30.28 0.86
N ARG A 278 36.56 31.59 0.73
CA ARG A 278 37.43 32.26 -0.23
C ARG A 278 37.67 31.47 -1.57
N GLU A 279 38.92 31.06 -1.85
CA GLU A 279 39.32 30.50 -3.15
C GLU A 279 38.49 29.27 -3.48
N ASN A 280 38.36 28.37 -2.50
CA ASN A 280 37.55 27.17 -2.70
C ASN A 280 36.07 27.42 -3.03
N SER A 281 35.54 28.60 -2.70
CA SER A 281 34.13 28.86 -2.93
C SER A 281 33.82 29.06 -4.40
N GLU A 282 34.75 29.70 -5.11
CA GLU A 282 34.69 29.81 -6.57
C GLU A 282 34.62 28.44 -7.26
N THR A 283 35.37 27.46 -6.77
CA THR A 283 35.29 26.09 -7.29
C THR A 283 33.84 25.57 -7.29
N ILE A 284 33.05 26.01 -6.32
CA ILE A 284 31.69 25.51 -6.14
C ILE A 284 30.71 26.33 -6.96
N THR A 285 30.76 27.63 -6.79
CA THR A 285 29.83 28.51 -7.48
C THR A 285 29.96 28.47 -9.02
N ASN A 286 31.17 28.22 -9.52
CA ASN A 286 31.39 28.03 -10.95
C ASN A 286 30.62 26.84 -11.56
N LYS A 287 30.27 25.87 -10.73
CA LYS A 287 29.48 24.72 -11.21
C LYS A 287 28.07 24.64 -10.66
N PHE A 288 27.83 25.22 -9.48
CA PHE A 288 26.53 25.08 -8.82
C PHE A 288 25.88 26.41 -8.51
N SER A 289 24.59 26.51 -8.79
CA SER A 289 23.77 27.66 -8.38
C SER A 289 23.41 27.55 -6.91
N ALA A 290 23.48 26.33 -6.35
CA ALA A 290 23.37 26.19 -4.89
C ALA A 290 23.93 24.83 -4.54
N LEU A 291 24.68 24.75 -3.44
CA LEU A 291 25.12 23.47 -2.87
C LEU A 291 25.02 23.56 -1.37
N SER A 292 24.17 22.73 -0.79
CA SER A 292 23.91 22.75 0.64
C SER A 292 24.34 21.45 1.25
N TYR A 293 24.54 21.45 2.57
CA TYR A 293 24.99 20.22 3.28
C TYR A 293 24.43 20.09 4.67
N SER A 294 24.47 18.87 5.19
CA SER A 294 24.13 18.61 6.55
C SER A 294 25.09 17.56 7.07
N ILE A 295 25.61 17.74 8.27
CA ILE A 295 26.48 16.74 8.84
C ILE A 295 25.90 16.13 10.11
N LYS A 296 26.49 15.00 10.48
CA LYS A 296 26.16 14.27 11.69
C LYS A 296 27.39 13.52 12.10
N THR A 297 27.75 13.58 13.37
CA THR A 297 28.91 12.86 13.87
C THR A 297 28.41 11.65 14.63
N LEU A 298 29.18 10.57 14.53
CA LEU A 298 28.88 9.31 15.21
C LEU A 298 29.98 9.09 16.22
N GLY A 299 29.62 9.08 17.50
CA GLY A 299 30.59 8.88 18.57
C GLY A 299 31.34 10.14 18.88
N GLY A 300 32.35 10.01 19.74
CA GLY A 300 33.14 11.16 20.20
C GLY A 300 32.31 12.09 21.05
N ALA A 301 32.78 13.31 21.22
CA ALA A 301 32.07 14.33 21.98
C ALA A 301 32.29 15.62 21.24
N TYR A 302 31.52 16.65 21.60
CA TYR A 302 31.69 18.02 21.08
C TYR A 302 31.41 18.09 19.58
N GLY A 303 30.51 17.23 19.14
CA GLY A 303 30.15 17.14 17.73
C GLY A 303 28.69 17.39 17.47
N TYR A 304 28.10 16.54 16.64
CA TYR A 304 26.73 16.76 16.19
C TYR A 304 25.99 15.45 16.09
N SER A 305 25.50 15.02 17.23
CA SER A 305 24.82 13.74 17.39
CA SER A 305 24.84 13.73 17.35
C SER A 305 23.53 13.63 16.56
N ILE A 306 22.91 14.77 16.31
CA ILE A 306 21.67 14.85 15.54
C ILE A 306 22.01 15.56 14.25
N SER A 307 21.55 15.03 13.13
CA SER A 307 21.84 15.67 11.85
C SER A 307 21.57 17.16 11.94
N THR A 308 22.48 17.99 11.41
CA THR A 308 22.29 19.45 11.44
C THR A 308 21.27 19.94 10.39
N PRO A 309 20.68 21.11 10.63
CA PRO A 309 19.92 21.69 9.56
C PRO A 309 20.81 21.90 8.36
N PRO A 310 20.21 22.17 7.19
CA PRO A 310 20.99 22.34 5.99
C PRO A 310 21.60 23.73 5.89
N TYR A 311 22.84 23.78 5.41
CA TYR A 311 23.62 24.99 5.32
C TYR A 311 24.19 25.12 3.92
N ASP A 312 24.28 26.35 3.44
CA ASP A 312 24.98 26.64 2.19
C ASP A 312 26.49 26.48 2.43
N ILE A 313 27.11 25.63 1.61
CA ILE A 313 28.52 25.23 1.75
C ILE A 313 29.49 26.42 1.77
N THR A 314 29.16 27.47 1.03
CA THR A 314 30.01 28.65 0.95
C THR A 314 29.73 29.68 2.06
N ASN A 315 28.63 29.51 2.80
CA ASN A 315 28.23 30.49 3.80
C ASN A 315 28.57 30.04 5.21
N TYR A 316 28.46 28.74 5.49
CA TYR A 316 28.65 28.30 6.85
C TYR A 316 29.59 27.12 6.95
N SER A 317 30.61 27.30 7.78
CA SER A 317 31.63 26.28 8.03
C SER A 317 31.58 25.86 9.47
N ILE A 318 31.83 24.57 9.69
CA ILE A 318 31.83 23.98 10.99
C ILE A 318 33.19 23.40 11.28
N ASP A 319 33.75 23.73 12.44
CA ASP A 319 35.03 23.22 12.93
C ASP A 319 34.75 21.92 13.70
N LEU A 320 35.23 20.78 13.18
CA LEU A 320 35.09 19.53 13.91
C LEU A 320 36.36 19.18 14.71
N THR A 321 37.27 20.15 14.88
CA THR A 321 38.54 19.83 15.52
C THR A 321 38.34 19.28 16.94
N PRO A 322 37.53 19.93 17.79
CA PRO A 322 37.28 19.38 19.13
C PRO A 322 36.72 17.97 19.08
N TRP A 323 35.77 17.73 18.18
CA TRP A 323 35.21 16.40 18.03
C TRP A 323 36.28 15.37 17.61
N LEU A 324 37.12 15.73 16.66
CA LEU A 324 38.14 14.82 16.19
C LEU A 324 39.03 14.42 17.34
N GLN A 325 39.45 15.40 18.14
CA GLN A 325 40.36 15.08 19.22
C GLN A 325 39.66 14.46 20.44
N SER A 326 38.33 14.48 20.46
CA SER A 326 37.59 13.76 21.48
C SER A 326 37.72 12.25 21.22
N LEU A 327 38.04 11.88 19.99
CA LEU A 327 38.14 10.46 19.60
C LEU A 327 39.38 9.76 20.15
N ASN A 328 40.26 10.52 20.79
CA ASN A 328 41.41 9.95 21.48
C ASN A 328 41.00 9.15 22.69
N ASP A 329 39.79 9.35 23.18
CA ASP A 329 39.21 8.53 24.26
C ASP A 329 38.39 7.41 23.64
N PRO A 330 38.96 6.20 23.56
CA PRO A 330 38.20 5.13 22.91
C PRO A 330 36.85 4.79 23.61
N LYS A 331 36.62 5.30 24.81
CA LYS A 331 35.35 5.10 25.50
CA LYS A 331 35.33 5.07 25.47
C LYS A 331 34.20 5.77 24.72
N THR A 332 34.55 6.77 23.91
CA THR A 332 33.56 7.51 23.15
C THR A 332 33.25 6.88 21.78
N HIS A 333 33.85 5.73 21.49
CA HIS A 333 33.70 5.12 20.19
C HIS A 333 32.36 4.39 20.06
N THR A 334 31.90 4.19 18.83
CA THR A 334 30.65 3.49 18.60
C THR A 334 30.75 2.79 17.26
N ILE A 336 30.53 2.61 13.48
CA ILE A 336 30.62 3.66 12.48
C ILE A 336 30.52 3.26 11.00
N ASP A 337 30.63 1.97 10.68
CA ASP A 337 30.55 1.52 9.27
C ASP A 337 30.49 0.00 9.28
N LEU A 338 30.22 -0.59 8.13
CA LEU A 338 30.03 -2.03 8.02
C LEU A 338 31.17 -2.66 7.20
N GLN A 339 31.54 -3.88 7.59
CA GLN A 339 32.46 -4.70 6.83
C GLN A 339 31.74 -5.27 5.64
N ASP A 340 32.48 -5.58 4.60
CA ASP A 340 31.87 -6.25 3.47
C ASP A 340 31.26 -7.54 4.01
N GLY A 341 30.03 -7.82 3.62
CA GLY A 341 29.34 -8.99 4.13
C GLY A 341 29.08 -8.97 5.63
N GLY A 342 29.04 -7.77 6.23
CA GLY A 342 28.77 -7.62 7.67
C GLY A 342 27.30 -7.64 8.06
N LEU A 343 26.40 -7.80 7.07
CA LEU A 343 24.95 -7.90 7.30
C LEU A 343 24.44 -9.22 6.75
N TYR A 344 23.78 -10.00 7.60
CA TYR A 344 23.23 -11.29 7.23
C TYR A 344 21.73 -11.23 7.29
N PRO A 345 21.06 -11.91 6.36
CA PRO A 345 19.63 -11.92 6.44
C PRO A 345 19.14 -12.55 7.72
N ILE A 346 18.01 -12.06 8.23
CA ILE A 346 17.36 -12.66 9.41
C ILE A 346 17.10 -14.14 9.16
N SER A 347 16.85 -14.50 7.90
CA SER A 347 16.56 -15.92 7.58
C SER A 347 17.69 -16.87 7.92
N ASP A 348 18.93 -16.37 7.94
CA ASP A 348 20.05 -17.21 8.40
C ASP A 348 20.03 -17.52 9.88
N PHE A 349 19.22 -16.82 10.67
CA PHE A 349 19.17 -17.01 12.12
C PHE A 349 17.97 -17.76 12.67
N ILE A 350 17.21 -18.40 11.79
CA ILE A 350 16.00 -19.15 12.17
C ILE A 350 16.00 -20.49 11.47
N LEU A 351 15.35 -21.46 12.10
CA LEU A 351 15.34 -22.83 11.58
C LEU A 351 14.16 -23.13 10.66
N GLU A 352 13.07 -22.39 10.82
CA GLU A 352 11.81 -22.67 10.18
C GLU A 352 11.82 -22.35 8.69
N GLU A 353 11.73 -23.38 7.87
CA GLU A 353 11.65 -23.25 6.40
C GLU A 353 10.70 -22.16 5.91
N ASN A 354 9.47 -22.17 6.44
CA ASN A 354 8.44 -21.23 6.00
C ASN A 354 8.71 -19.80 6.43
N PHE A 355 9.33 -19.61 7.59
CA PHE A 355 9.67 -18.25 8.02
C PHE A 355 10.84 -17.72 7.19
N LYS A 356 11.77 -18.61 6.91
CA LYS A 356 12.92 -18.26 6.10
C LYS A 356 12.45 -17.74 4.76
N GLN A 357 11.63 -18.53 4.09
CA GLN A 357 11.10 -18.18 2.79
C GLN A 357 10.26 -16.90 2.82
N ARG A 358 9.42 -16.75 3.85
CA ARG A 358 8.58 -15.56 3.97
C ARG A 358 9.39 -14.26 4.18
N TYR A 359 10.44 -14.34 5.01
CA TYR A 359 11.38 -13.27 5.17
C TYR A 359 11.94 -12.88 3.81
N ASN A 360 12.45 -13.87 3.09
CA ASN A 360 13.01 -13.61 1.77
C ASN A 360 12.00 -13.05 0.77
N ASP A 361 10.83 -13.65 0.76
CA ASP A 361 9.82 -13.22 -0.19
C ASP A 361 9.32 -11.81 0.18
N THR A 362 9.31 -11.48 1.47
CA THR A 362 8.76 -10.20 1.88
C THR A 362 9.80 -9.15 1.56
N HIS A 363 11.06 -9.46 1.84
CA HIS A 363 12.13 -8.55 1.53
C HIS A 363 12.15 -8.22 0.05
N ASP A 365 9.69 -8.13 -2.02
CA ASP A 365 8.37 -7.63 -2.48
C ASP A 365 7.54 -8.71 -3.22
N PHE A 366 7.80 -10.00 -2.96
CA PHE A 366 6.97 -11.06 -3.53
C PHE A 366 5.72 -11.41 -2.68
N GLN A 367 5.78 -11.19 -1.37
CA GLN A 367 4.68 -11.51 -0.50
C GLN A 367 4.58 -10.47 0.58
N TYR A 368 3.38 -10.21 1.08
CA TYR A 368 3.20 -9.28 2.16
C TYR A 368 1.88 -9.59 2.84
N GLN A 369 1.92 -10.21 4.00
CA GLN A 369 0.76 -10.41 4.84
C GLN A 369 0.93 -9.46 6.04
N GLU A 370 0.05 -8.45 6.14
CA GLU A 370 0.18 -7.43 7.20
CA GLU A 370 0.14 -7.44 7.23
C GLU A 370 0.22 -8.12 8.58
N SER A 371 -0.69 -9.06 8.82
CA SER A 371 -0.80 -9.69 10.15
C SER A 371 -1.28 -11.12 10.14
N LEU A 372 -1.03 -11.83 11.24
CA LEU A 372 -1.35 -13.23 11.35
C LEU A 372 -2.86 -13.41 11.20
N GLU A 373 -3.28 -14.57 10.68
CA GLU A 373 -4.68 -14.80 10.29
C GLU A 373 -5.19 -16.19 10.69
N GLU A 374 -6.46 -16.47 10.41
CA GLU A 374 -7.06 -17.76 10.77
C GLU A 374 -6.47 -18.85 9.89
N PRO A 375 -5.98 -19.93 10.51
CA PRO A 375 -5.57 -21.08 9.73
C PRO A 375 -6.76 -21.98 9.32
N TYR A 376 -6.53 -22.83 8.31
CA TYR A 376 -7.56 -23.69 7.77
C TYR A 376 -6.93 -24.67 6.80
N ILE A 377 -7.56 -25.84 6.66
CA ILE A 377 -7.14 -26.83 5.69
C ILE A 377 -8.04 -26.69 4.48
N GLU A 378 -7.46 -26.59 3.30
CA GLU A 378 -8.23 -26.58 2.06
C GLU A 378 -7.89 -27.87 1.28
N ILE A 379 -8.89 -28.66 0.93
CA ILE A 379 -8.69 -29.88 0.15
C ILE A 379 -8.89 -29.48 -1.31
N ILE A 380 -7.79 -29.44 -2.07
CA ILE A 380 -7.85 -28.94 -3.42
C ILE A 380 -7.05 -29.86 -4.32
N LYS A 381 -6.75 -29.40 -5.52
CA LYS A 381 -6.10 -30.20 -6.54
C LYS A 381 -4.65 -29.78 -6.71
N TYR A 383 -1.27 -30.32 -9.17
CA TYR A 383 -0.86 -30.72 -10.50
C TYR A 383 0.19 -31.80 -10.39
N ILE A 384 0.08 -32.84 -11.21
CA ILE A 384 1.03 -33.95 -11.20
C ILE A 384 1.73 -34.02 -12.54
N ARG A 385 0.98 -34.27 -13.61
CA ARG A 385 1.56 -34.33 -14.96
C ARG A 385 0.53 -34.18 -16.05
N LYS A 386 1.01 -34.08 -17.29
CA LYS A 386 0.18 -34.11 -18.49
C LYS A 386 0.05 -35.54 -19.00
N SER A 387 -1.17 -35.91 -19.39
CA SER A 387 -1.43 -37.20 -20.01
C SER A 387 -0.78 -37.24 -21.38
N ASN A 388 -0.76 -38.42 -22.00
CA ASN A 388 -0.23 -38.50 -23.34
C ASN A 388 -1.22 -37.93 -24.38
N SER A 389 -2.38 -37.47 -23.94
CA SER A 389 -3.28 -36.74 -24.81
C SER A 389 -3.13 -35.22 -24.56
N GLY A 390 -2.28 -34.85 -23.61
CA GLY A 390 -1.97 -33.46 -23.35
C GLY A 390 -2.81 -32.88 -22.25
N GLU A 391 -3.48 -33.75 -21.50
CA GLU A 391 -4.44 -33.31 -20.49
C GLU A 391 -3.77 -33.15 -19.12
N LYS A 392 -4.06 -32.02 -18.45
CA LYS A 392 -3.56 -31.82 -17.11
C LYS A 392 -4.26 -32.79 -16.15
N LEU A 393 -3.43 -33.48 -15.36
CA LEU A 393 -3.88 -34.47 -14.37
C LEU A 393 -3.48 -34.05 -12.95
N TYR A 394 -4.41 -34.25 -12.03
CA TYR A 394 -4.28 -33.72 -10.68
C TYR A 394 -4.55 -34.77 -9.61
N ASP A 395 -3.86 -34.61 -8.46
CA ASP A 395 -4.16 -35.34 -7.25
C ASP A 395 -5.01 -34.41 -6.36
N ILE A 396 -5.74 -34.99 -5.42
CA ILE A 396 -6.54 -34.23 -4.47
C ILE A 396 -5.76 -34.27 -3.17
N VAL A 397 -5.53 -33.10 -2.61
CA VAL A 397 -4.59 -32.92 -1.51
C VAL A 397 -5.14 -31.96 -0.41
N PRO A 398 -4.92 -32.30 0.88
CA PRO A 398 -5.19 -31.33 1.92
C PRO A 398 -4.01 -30.38 2.03
N VAL A 399 -4.29 -29.07 2.12
CA VAL A 399 -3.23 -28.06 2.27
C VAL A 399 -3.51 -27.23 3.52
N LEU A 400 -2.64 -27.34 4.53
CA LEU A 400 -2.78 -26.50 5.73
C LEU A 400 -2.29 -25.09 5.44
N ASN A 401 -3.20 -24.13 5.56
CA ASN A 401 -2.83 -22.71 5.50
C ASN A 401 -2.49 -22.26 6.92
N THR A 402 -1.25 -21.82 7.13
CA THR A 402 -0.78 -21.43 8.46
C THR A 402 -1.24 -20.04 8.82
N ARG A 403 -0.96 -19.60 10.04
CA ARG A 403 -1.28 -18.26 10.49
C ARG A 403 -0.63 -17.19 9.63
N GLN A 404 0.56 -17.52 9.14
CA GLN A 404 1.41 -16.61 8.40
C GLN A 404 0.96 -16.60 6.95
N GLY A 405 0.09 -17.56 6.61
CA GLY A 405 -0.45 -17.66 5.25
C GLY A 405 0.40 -18.50 4.32
N ASP A 406 1.18 -19.41 4.87
CA ASP A 406 1.98 -20.35 4.09
C ASP A 406 1.06 -21.52 3.77
N LYS A 407 1.29 -22.19 2.64
CA LYS A 407 0.50 -23.34 2.26
C LYS A 407 1.35 -24.60 2.39
N LEU A 408 1.00 -25.44 3.36
CA LEU A 408 1.70 -26.70 3.60
C LEU A 408 0.88 -27.83 2.97
N ILE A 409 1.23 -28.14 1.72
CA ILE A 409 0.61 -29.21 0.95
C ILE A 409 1.03 -30.55 1.54
N PHE A 410 0.06 -31.36 1.96
CA PHE A 410 0.30 -32.74 2.45
C PHE A 410 0.21 -33.69 1.24
N SER A 411 1.32 -33.84 0.55
CA SER A 411 1.35 -34.58 -0.72
C SER A 411 1.45 -36.06 -0.54
N ASN A 412 1.03 -36.78 -1.58
CA ASN A 412 1.14 -38.25 -1.68
C ASN A 412 2.17 -38.55 -2.78
N PRO A 413 3.43 -38.82 -2.39
CA PRO A 413 4.46 -38.93 -3.42
C PRO A 413 4.24 -40.12 -4.37
N ASP A 414 3.41 -41.08 -3.95
CA ASP A 414 3.01 -42.21 -4.80
C ASP A 414 1.87 -41.87 -5.78
N ALA A 415 1.45 -40.61 -5.78
CA ALA A 415 0.43 -40.15 -6.70
C ALA A 415 0.93 -40.15 -8.15
N ALA A 416 2.24 -40.00 -8.35
CA ALA A 416 2.83 -40.03 -9.72
C ALA A 416 2.80 -41.44 -10.33
N SER A 417 2.86 -42.47 -9.47
CA SER A 417 2.77 -43.88 -9.88
C SER A 417 1.41 -44.18 -10.52
N GLN A 418 0.35 -43.57 -10.01
CA GLN A 418 -0.99 -43.91 -10.43
C GLN A 418 -1.16 -43.72 -11.94
N SER A 419 -2.00 -44.56 -12.53
CA SER A 419 -2.24 -44.54 -13.96
C SER A 419 -3.08 -43.34 -14.34
N ASP A 420 -2.76 -42.74 -15.47
CA ASP A 420 -3.52 -41.62 -16.04
C ASP A 420 -5.02 -41.62 -15.65
N GLU A 421 -5.72 -42.72 -15.90
CA GLU A 421 -7.19 -42.76 -15.74
C GLU A 421 -7.65 -42.56 -14.30
N GLU A 422 -6.84 -43.03 -13.36
CA GLU A 422 -7.12 -42.81 -11.94
C GLU A 422 -7.07 -41.32 -11.59
N LEU A 423 -5.95 -40.68 -11.93
CA LEU A 423 -5.75 -39.25 -11.69
C LEU A 423 -6.84 -38.40 -12.37
N LYS A 424 -7.19 -38.75 -13.60
CA LYS A 424 -8.28 -38.07 -14.33
C LYS A 424 -9.65 -38.20 -13.62
N ALA A 425 -9.82 -39.28 -12.85
CA ALA A 425 -11.04 -39.51 -12.08
C ALA A 425 -11.19 -38.54 -10.89
N ASN A 426 -10.09 -37.86 -10.51
CA ASN A 426 -10.17 -36.80 -9.51
C ASN A 426 -10.89 -35.55 -10.05
N SER A 427 -11.05 -35.49 -11.38
CA SER A 427 -11.82 -34.43 -12.07
C SER A 427 -13.30 -34.69 -12.12
N ILE A 428 -13.72 -35.90 -11.73
CA ILE A 428 -15.13 -36.23 -11.63
C ILE A 428 -15.66 -35.73 -10.27
N PRO A 429 -16.70 -34.86 -10.28
CA PRO A 429 -17.32 -34.35 -9.04
C PRO A 429 -17.63 -35.41 -7.98
N ALA A 430 -17.97 -36.62 -8.42
CA ALA A 430 -18.35 -37.74 -7.53
C ALA A 430 -17.17 -38.31 -6.74
N THR A 431 -16.04 -38.51 -7.42
CA THR A 431 -14.83 -39.00 -6.76
C THR A 431 -14.25 -37.87 -5.86
N PHE A 432 -14.39 -36.62 -6.30
CA PHE A 432 -13.90 -35.49 -5.51
C PHE A 432 -14.67 -35.45 -4.17
N LEU A 433 -16.00 -35.55 -4.24
CA LEU A 433 -16.89 -35.67 -3.07
C LEU A 433 -16.35 -36.71 -2.09
N THR A 434 -16.20 -37.94 -2.56
CA THR A 434 -15.79 -39.11 -1.74
C THR A 434 -14.40 -38.93 -1.11
N LYS A 435 -13.46 -38.39 -1.89
CA LYS A 435 -12.08 -38.25 -1.43
C LYS A 435 -11.96 -37.08 -0.48
N SER A 436 -12.55 -35.94 -0.86
CA SER A 436 -12.49 -34.74 -0.04
C SER A 436 -13.13 -35.01 1.32
N ASN A 437 -14.31 -35.63 1.31
CA ASN A 437 -15.00 -36.01 2.53
C ASN A 437 -14.23 -37.03 3.35
N ALA A 438 -13.51 -37.92 2.69
CA ALA A 438 -12.71 -38.95 3.40
C ALA A 438 -11.50 -38.29 4.11
N ILE A 439 -10.82 -37.40 3.39
CA ILE A 439 -9.71 -36.61 3.95
C ILE A 439 -10.20 -35.77 5.13
N LYS A 440 -11.33 -35.08 4.95
CA LYS A 440 -11.92 -34.34 6.06
C LYS A 440 -12.19 -35.26 7.25
N ASP A 441 -12.83 -36.41 7.02
CA ASP A 441 -13.13 -37.35 8.12
C ASP A 441 -11.85 -37.69 8.88
N GLU A 442 -10.76 -37.91 8.15
CA GLU A 442 -9.47 -38.20 8.79
C GLU A 442 -8.89 -37.00 9.52
N LYS A 443 -8.57 -35.95 8.78
CA LYS A 443 -7.92 -34.78 9.40
C LYS A 443 -8.75 -34.20 10.55
N SER A 444 -10.08 -34.26 10.41
CA SER A 444 -11.02 -33.83 11.46
C SER A 444 -10.73 -34.46 12.83
N LYS A 445 -10.10 -35.63 12.86
CA LYS A 445 -9.75 -36.30 14.12
C LYS A 445 -8.67 -35.54 14.89
N TYR A 446 -7.90 -34.71 14.19
CA TYR A 446 -6.74 -34.02 14.77
C TYR A 446 -6.89 -32.49 14.76
N TYR A 447 -7.61 -31.95 13.77
CA TYR A 447 -7.72 -30.49 13.57
C TYR A 447 -9.19 -30.09 13.66
N GLN A 448 -9.46 -29.04 14.43
CA GLN A 448 -10.82 -28.52 14.65
C GLN A 448 -11.03 -27.15 13.97
N LEU A 449 -10.17 -26.84 13.01
CA LEU A 449 -10.25 -25.59 12.29
C LEU A 449 -11.14 -25.76 11.06
N LYS A 450 -11.45 -24.65 10.40
CA LYS A 450 -12.20 -24.66 9.16
C LYS A 450 -11.50 -25.58 8.16
N ILE A 451 -12.22 -26.61 7.69
CA ILE A 451 -11.77 -27.44 6.59
C ILE A 451 -12.74 -27.15 5.44
N LYS A 452 -12.19 -26.88 4.26
CA LYS A 452 -12.99 -26.64 3.08
C LYS A 452 -12.39 -27.40 1.92
N ALA A 453 -13.18 -27.58 0.88
CA ALA A 453 -12.73 -28.26 -0.33
C ALA A 453 -13.09 -27.38 -1.49
N ASP A 454 -12.40 -27.54 -2.62
CA ASP A 454 -12.69 -26.74 -3.80
C ASP A 454 -12.14 -27.40 -5.05
N PRO A 455 -13.01 -28.01 -5.86
CA PRO A 455 -12.53 -28.75 -7.02
C PRO A 455 -11.88 -27.88 -8.10
N ASN A 456 -12.14 -26.58 -8.11
CA ASN A 456 -11.55 -25.70 -9.11
C ASN A 456 -10.29 -24.94 -8.67
N LYS A 457 -9.83 -25.15 -7.44
CA LYS A 457 -8.60 -24.51 -6.98
C LYS A 457 -7.42 -25.45 -7.23
N THR A 458 -6.42 -24.98 -7.97
CA THR A 458 -5.20 -25.76 -8.15
C THR A 458 -4.04 -25.16 -7.34
N ILE A 459 -3.10 -26.01 -6.96
CA ILE A 459 -1.85 -25.52 -6.37
C ILE A 459 -0.74 -26.32 -7.03
N ASN A 460 0.24 -25.62 -7.59
CA ASN A 460 1.32 -26.26 -8.35
C ASN A 460 2.75 -26.06 -7.75
N PRO A 461 3.17 -26.96 -6.84
CA PRO A 461 4.49 -26.89 -6.20
C PRO A 461 5.61 -27.49 -7.04
N ILE A 462 5.28 -28.41 -7.97
CA ILE A 462 6.27 -29.04 -8.88
C ILE A 462 6.89 -27.98 -9.83
N ILE A 463 6.08 -27.03 -10.31
CA ILE A 463 6.56 -25.91 -11.15
C ILE A 463 6.73 -24.58 -10.37
N GLN A 464 6.38 -24.54 -9.07
CA GLN A 464 6.62 -23.37 -8.19
C GLN A 464 7.05 -23.79 -6.78
N LEU A 467 3.28 -18.58 -1.68
CA LEU A 467 4.30 -19.58 -1.34
C LEU A 467 3.73 -20.91 -0.82
N SER A 468 4.10 -22.02 -1.49
CA SER A 468 3.72 -23.37 -1.03
C SER A 468 4.90 -24.26 -0.62
N PHE A 469 4.68 -25.17 0.32
CA PHE A 469 5.65 -26.23 0.64
C PHE A 469 4.98 -27.60 0.53
N GLN A 470 5.77 -28.58 0.08
CA GLN A 470 5.36 -29.99 0.03
C GLN A 470 5.90 -30.77 1.19
N ILE A 471 5.00 -31.43 1.94
CA ILE A 471 5.40 -32.39 2.97
C ILE A 471 4.77 -33.73 2.60
N ASN A 472 5.62 -34.66 2.15
CA ASN A 472 5.17 -36.00 1.77
C ASN A 472 4.81 -36.84 2.97
N ASN A 473 3.89 -37.77 2.77
CA ASN A 473 3.57 -38.77 3.78
C ASN A 473 3.25 -38.16 5.14
N VAL A 474 2.47 -37.08 5.15
CA VAL A 474 2.07 -36.48 6.42
C VAL A 474 1.12 -37.45 7.07
N ASP A 475 1.35 -37.72 8.35
CA ASP A 475 0.58 -38.68 9.11
C ASP A 475 0.56 -38.24 10.57
N GLU A 476 -0.58 -37.66 10.95
CA GLU A 476 -0.77 -37.15 12.28
C GLU A 476 -0.55 -38.21 13.38
N LYS A 477 -0.64 -39.51 13.03
CA LYS A 477 -0.51 -40.58 14.02
C LYS A 477 0.94 -40.88 14.40
N GLY A 478 1.88 -40.49 13.57
CA GLY A 478 3.28 -40.93 13.73
C GLY A 478 4.23 -39.97 14.41
N TYR A 480 6.05 -37.48 17.66
CA TYR A 480 6.56 -37.24 18.98
C TYR A 480 6.79 -35.74 19.11
N LYS A 481 7.04 -35.28 20.32
CA LYS A 481 7.30 -33.87 20.55
C LYS A 481 8.31 -33.69 21.68
N PHE A 482 8.96 -32.54 21.69
CA PHE A 482 9.75 -32.13 22.85
C PHE A 482 9.85 -30.60 22.89
N LYS A 483 10.09 -30.06 24.08
CA LYS A 483 10.29 -28.64 24.25
C LYS A 483 11.76 -28.30 24.43
N ASN A 484 12.26 -27.37 23.62
CA ASN A 484 13.59 -26.78 23.83
C ASN A 484 13.53 -25.86 25.05
N ALA A 485 14.36 -26.14 26.03
CA ALA A 485 14.33 -25.41 27.29
C ALA A 485 14.89 -24.00 27.15
N ASN A 486 15.91 -23.82 26.32
CA ASN A 486 16.46 -22.47 26.13
C ASN A 486 15.43 -21.52 25.52
N THR A 487 14.67 -22.00 24.55
CA THR A 487 13.86 -21.13 23.73
C THR A 487 12.36 -21.28 23.96
N ASN A 488 11.96 -22.34 24.66
CA ASN A 488 10.54 -22.67 24.91
C ASN A 488 9.73 -22.91 23.64
N ILE A 489 10.36 -23.54 22.66
CA ILE A 489 9.67 -23.92 21.44
C ILE A 489 9.36 -25.41 21.54
N TRP A 490 8.15 -25.76 21.13
CA TRP A 490 7.75 -27.15 21.00
C TRP A 490 8.10 -27.54 19.59
N TYR A 491 8.70 -28.72 19.44
CA TYR A 491 8.99 -29.28 18.14
C TYR A 491 8.28 -30.63 18.10
N ILE A 492 7.26 -30.70 17.22
CA ILE A 492 6.49 -31.91 16.98
C ILE A 492 7.00 -32.49 15.66
N TYR A 493 7.53 -33.71 15.74
CA TYR A 493 8.28 -34.28 14.63
C TYR A 493 7.82 -35.68 14.33
N ASN A 494 7.87 -36.00 13.03
CA ASN A 494 7.51 -37.33 12.52
C ASN A 494 8.79 -38.05 12.11
N PRO A 495 9.26 -39.00 12.92
CA PRO A 495 10.54 -39.63 12.65
C PRO A 495 10.50 -40.73 11.58
N THR A 496 9.36 -40.95 10.93
CA THR A 496 9.29 -41.79 9.75
C THR A 496 9.38 -40.94 8.48
N SER A 497 8.67 -39.82 8.44
CA SER A 497 8.60 -38.95 7.25
C SER A 497 9.53 -37.73 7.26
N TYR A 499 9.43 -34.76 8.87
CA TYR A 499 8.89 -33.41 8.91
C TYR A 499 8.58 -33.05 10.34
N CYS A 500 8.43 -31.75 10.59
CA CYS A 500 8.26 -31.23 11.92
C CYS A 500 7.54 -29.87 11.95
N PHE A 501 6.52 -29.77 12.82
CA PHE A 501 5.82 -28.52 13.06
C PHE A 501 6.33 -27.95 14.37
N ALA A 502 6.75 -26.68 14.36
CA ALA A 502 7.23 -26.00 15.58
C ALA A 502 6.29 -24.86 16.04
N TYR A 503 6.33 -24.52 17.32
CA TYR A 503 5.60 -23.35 17.84
C TYR A 503 6.08 -22.96 19.24
N TYR A 504 6.15 -21.66 19.52
CA TYR A 504 6.44 -21.17 20.88
C TYR A 504 5.35 -21.64 21.85
N ASP A 505 5.75 -21.88 23.11
CA ASP A 505 4.88 -22.54 24.09
C ASP A 505 3.85 -21.61 24.71
N ASP A 506 2.81 -21.36 23.93
CA ASP A 506 1.64 -20.66 24.38
C ASP A 506 0.48 -21.35 23.71
N ASP A 507 -0.39 -21.92 24.53
CA ASP A 507 -1.56 -22.65 24.04
C ASP A 507 -2.40 -21.86 23.02
N TYR A 508 -2.36 -20.54 23.04
CA TYR A 508 -3.12 -19.78 22.04
C TYR A 508 -2.79 -20.23 20.61
N ILE A 509 -1.55 -20.66 20.35
CA ILE A 509 -1.14 -21.10 19.01
C ILE A 509 -1.78 -22.44 18.63
N PRO A 510 -1.54 -23.51 19.38
CA PRO A 510 -2.28 -24.75 19.00
C PRO A 510 -3.79 -24.53 18.92
N ASP A 511 -4.32 -23.62 19.73
CA ASP A 511 -5.77 -23.31 19.72
C ASP A 511 -6.20 -22.60 18.42
N ALA A 512 -5.32 -21.77 17.86
CA ALA A 512 -5.59 -21.16 16.56
C ALA A 512 -5.76 -22.26 15.49
N TYR A 513 -4.99 -23.33 15.59
CA TYR A 513 -5.15 -24.47 14.66
C TYR A 513 -6.16 -25.53 15.13
N GLY A 514 -6.72 -25.34 16.31
CA GLY A 514 -7.65 -26.33 16.90
C GLY A 514 -7.02 -27.70 16.99
N ILE A 515 -5.80 -27.75 17.52
CA ILE A 515 -5.02 -28.99 17.62
C ILE A 515 -4.50 -29.25 19.04
N LEU A 516 -5.01 -28.51 20.01
CA LEU A 516 -4.51 -28.61 21.36
C LEU A 516 -4.72 -30.01 21.90
N ASP A 517 -5.90 -30.57 21.69
CA ASP A 517 -6.16 -31.95 22.14
C ASP A 517 -5.12 -32.86 21.55
N TRP A 518 -5.09 -32.91 20.23
CA TRP A 518 -4.15 -33.78 19.52
C TRP A 518 -2.71 -33.67 20.06
N VAL A 519 -2.22 -32.46 20.18
CA VAL A 519 -0.85 -32.26 20.60
C VAL A 519 -0.59 -32.75 22.03
N ASN A 520 -1.56 -32.57 22.91
CA ASN A 520 -1.43 -33.04 24.29
C ASN A 520 -1.25 -34.55 24.35
N GLY A 521 -1.91 -35.27 23.45
CA GLY A 521 -1.80 -36.72 23.35
C GLY A 521 -0.47 -37.20 22.78
N ILE A 522 0.21 -36.35 22.00
CA ILE A 522 1.50 -36.70 21.39
C ILE A 522 2.54 -37.04 22.47
N PRO A 523 3.19 -38.21 22.35
CA PRO A 523 4.20 -38.57 23.36
C PRO A 523 5.50 -37.75 23.27
N ILE A 524 6.03 -37.42 24.44
CA ILE A 524 7.27 -36.69 24.59
C ILE A 524 8.47 -37.60 24.28
N LYS A 525 9.28 -37.20 23.31
CA LYS A 525 10.55 -37.86 23.05
C LYS A 525 11.55 -36.84 22.55
N ALA A 526 12.58 -36.62 23.36
CA ALA A 526 13.60 -35.65 23.03
C ALA A 526 14.44 -36.17 21.87
N VAL A 527 14.86 -35.24 21.04
CA VAL A 527 15.91 -35.45 20.05
C VAL A 527 16.73 -34.19 20.13
N THR A 528 18.02 -34.27 19.80
CA THR A 528 18.90 -33.11 19.93
C THR A 528 18.56 -32.12 18.83
N THR A 530 20.51 -30.57 16.90
CA THR A 530 21.33 -30.70 15.70
C THR A 530 20.71 -31.79 14.83
N THR A 531 20.23 -32.87 15.45
CA THR A 531 19.51 -33.94 14.73
C THR A 531 18.27 -33.37 14.07
N LEU A 532 17.53 -32.56 14.79
CA LEU A 532 16.32 -31.99 14.24
C LEU A 532 16.60 -31.20 12.97
N TYR A 533 17.47 -30.20 13.05
CA TYR A 533 17.69 -29.37 11.88
C TYR A 533 18.57 -30.01 10.80
N GLN A 534 19.31 -31.05 11.14
CA GLN A 534 20.12 -31.70 10.10
C GLN A 534 19.30 -32.71 9.29
N ARG A 535 18.26 -33.27 9.93
CA ARG A 535 17.53 -34.39 9.34
C ARG A 535 16.05 -34.12 9.14
N TYR A 536 15.52 -33.01 9.67
CA TYR A 536 14.11 -32.70 9.49
C TYR A 536 13.88 -31.38 8.73
N LYS A 537 12.70 -31.26 8.13
CA LYS A 537 12.19 -30.00 7.64
C LYS A 537 11.32 -29.44 8.77
N ILE A 538 11.57 -28.21 9.16
CA ILE A 538 10.86 -27.61 10.26
C ILE A 538 9.96 -26.46 9.76
N TYR A 539 8.69 -26.53 10.12
CA TYR A 539 7.71 -25.51 9.76
C TYR A 539 7.11 -24.95 11.05
N GLY A 540 7.17 -23.63 11.17
CA GLY A 540 6.58 -22.90 12.28
C GLY A 540 5.09 -22.66 12.01
N LEU A 541 4.25 -23.04 12.97
CA LEU A 541 2.83 -22.78 12.93
C LEU A 541 2.58 -21.38 13.52
N THR B 19 -32.81 27.44 18.27
CA THR B 19 -33.48 28.01 19.49
C THR B 19 -32.87 27.59 20.79
N SER B 20 -32.27 26.40 20.81
CA SER B 20 -31.64 25.88 22.04
C SER B 20 -30.12 25.88 21.92
N GLU B 21 -29.63 26.15 20.72
CA GLU B 21 -28.21 26.24 20.47
C GLU B 21 -27.68 27.49 21.16
N ILE B 22 -26.56 27.36 21.84
CA ILE B 22 -25.87 28.45 22.54
C ILE B 22 -24.38 28.46 22.11
N ILE B 23 -23.88 29.66 21.75
CA ILE B 23 -22.51 29.85 21.31
C ILE B 23 -21.69 30.04 22.59
N LEU B 24 -20.76 29.16 22.87
CA LEU B 24 -19.95 29.27 24.08
C LEU B 24 -18.62 29.96 23.79
N GLN B 25 -18.16 29.91 22.54
CA GLN B 25 -17.01 30.67 22.12
C GLN B 25 -17.21 31.07 20.69
N GLU B 26 -17.29 32.37 20.43
CA GLU B 26 -17.38 32.86 19.05
C GLU B 26 -16.06 32.49 18.39
N ARG B 27 -16.05 32.31 17.07
CA ARG B 27 -14.77 32.10 16.40
C ARG B 27 -13.88 33.35 16.65
N ASN B 28 -12.63 33.13 17.04
CA ASN B 28 -11.76 34.27 17.27
C ASN B 28 -11.74 35.11 15.98
N SER B 29 -12.10 36.37 16.14
CA SER B 29 -12.33 37.28 15.02
C SER B 29 -11.05 37.72 14.28
N SER B 30 -9.89 37.50 14.89
CA SER B 30 -8.65 37.81 14.22
C SER B 30 -8.22 36.68 13.26
N LEU B 31 -8.86 35.52 13.30
CA LEU B 31 -8.51 34.45 12.37
C LEU B 31 -9.08 34.77 11.01
N PRO B 32 -8.45 34.27 9.94
CA PRO B 32 -9.08 34.41 8.64
C PRO B 32 -10.31 33.51 8.55
N ARG B 33 -11.18 33.77 7.57
CA ARG B 33 -12.36 32.96 7.37
C ARG B 33 -12.31 32.31 5.99
N VAL B 34 -11.20 31.60 5.73
CA VAL B 34 -10.91 30.98 4.44
C VAL B 34 -10.86 29.47 4.64
N TRP B 35 -11.74 28.74 3.96
CA TRP B 35 -11.93 27.28 4.18
C TRP B 35 -11.32 26.43 3.06
N SER B 36 -10.97 27.09 1.95
CA SER B 36 -10.33 26.43 0.81
C SER B 36 -9.51 27.42 -0.02
N LYS B 37 -8.49 26.92 -0.71
CA LYS B 37 -7.75 27.72 -1.69
C LYS B 37 -7.76 26.94 -2.99
N LYS B 38 -8.33 27.54 -4.04
CA LYS B 38 -8.45 26.88 -5.33
C LYS B 38 -7.10 26.89 -6.06
N THR B 39 -6.12 26.18 -5.50
CA THR B 39 -4.76 26.08 -6.04
C THR B 39 -4.72 25.36 -7.40
N PHE B 49 -0.14 12.52 -22.29
CA PHE B 49 -0.31 11.14 -22.74
C PHE B 49 0.30 10.92 -24.14
N THR B 50 1.58 10.56 -24.16
CA THR B 50 2.29 10.19 -25.40
C THR B 50 2.56 8.66 -25.43
N ASP B 51 1.98 7.94 -24.49
CA ASP B 51 2.19 6.50 -24.39
C ASP B 51 0.93 5.82 -23.84
N ALA B 52 0.65 4.62 -24.33
CA ALA B 52 -0.52 3.85 -23.95
C ALA B 52 -0.43 3.37 -22.50
N THR B 53 0.78 3.25 -21.98
CA THR B 53 0.95 2.83 -20.59
C THR B 53 0.75 3.99 -19.60
N ASP B 54 0.51 5.21 -20.08
CA ASP B 54 0.50 6.37 -19.18
C ASP B 54 -0.86 6.70 -18.59
N PHE B 55 -1.85 5.87 -18.85
CA PHE B 55 -3.18 6.05 -18.36
C PHE B 55 -3.41 5.31 -17.02
N LEU B 56 -2.55 4.37 -16.68
CA LEU B 56 -2.69 3.61 -15.45
C LEU B 56 -2.51 4.57 -14.28
N GLY B 57 -3.42 4.53 -13.32
CA GLY B 57 -3.34 5.42 -12.19
C GLY B 57 -4.01 6.77 -12.42
N CYS B 58 -4.58 7.01 -13.60
CA CYS B 58 -5.32 8.24 -13.80
C CYS B 58 -6.78 8.12 -13.40
N SER B 59 -7.39 9.27 -13.18
CA SER B 59 -8.79 9.35 -12.90
C SER B 59 -9.54 9.09 -14.21
N TYR B 60 -10.77 8.55 -14.09
CA TYR B 60 -11.64 8.27 -15.24
C TYR B 60 -12.99 8.98 -15.06
N ALA B 61 -13.44 9.68 -16.09
CA ALA B 61 -14.64 10.50 -16.02
C ALA B 61 -15.77 9.72 -16.66
N VAL B 62 -16.75 9.36 -15.86
CA VAL B 62 -17.94 8.64 -16.34
C VAL B 62 -18.94 9.67 -16.79
N GLU B 63 -19.40 10.51 -15.86
CA GLU B 63 -20.52 11.37 -16.11
C GLU B 63 -20.26 12.44 -17.15
N ASN B 64 -19.13 13.12 -17.02
CA ASN B 64 -18.76 14.18 -17.98
C ASN B 64 -17.83 13.68 -19.08
N GLY B 65 -17.69 12.36 -19.21
CA GLY B 65 -16.88 11.80 -20.29
C GLY B 65 -17.62 11.79 -21.61
N THR B 66 -17.09 11.01 -22.54
CA THR B 66 -17.70 10.77 -23.83
C THR B 66 -18.79 9.72 -23.68
N SER B 67 -18.67 8.85 -22.66
CA SER B 67 -19.61 7.77 -22.36
C SER B 67 -19.28 6.54 -23.16
N ILE B 68 -18.17 6.57 -23.90
CA ILE B 68 -17.65 5.35 -24.51
C ILE B 68 -16.78 4.67 -23.42
N ILE B 69 -17.18 3.46 -23.04
CA ILE B 69 -16.54 2.76 -21.94
C ILE B 69 -15.11 2.49 -22.38
N GLY B 70 -14.14 3.03 -21.63
CA GLY B 70 -12.70 2.78 -21.92
C GLY B 70 -12.01 3.77 -22.86
N ASP B 71 -12.75 4.75 -23.30
CA ASP B 71 -12.28 5.78 -24.23
C ASP B 71 -11.14 6.53 -23.53
N PHE B 72 -9.97 6.54 -24.16
CA PHE B 72 -8.80 7.18 -23.56
C PHE B 72 -9.12 8.62 -23.23
N ALA B 73 -10.01 9.23 -24.00
CA ALA B 73 -10.46 10.60 -23.79
C ALA B 73 -11.06 10.83 -22.38
N ASN B 74 -11.50 9.76 -21.74
CA ASN B 74 -12.06 9.89 -20.40
C ASN B 74 -10.99 9.80 -19.29
N ALA B 75 -9.72 9.50 -19.64
CA ALA B 75 -8.64 9.59 -18.63
C ALA B 75 -8.36 11.06 -18.39
N LYS B 76 -8.41 11.50 -17.14
CA LYS B 76 -8.20 12.92 -16.85
C LYS B 76 -6.85 13.21 -16.25
N TYR B 77 -6.65 12.97 -14.96
CA TYR B 77 -5.39 13.38 -14.31
C TYR B 77 -4.75 12.27 -13.50
N PRO B 78 -3.44 12.38 -13.28
CA PRO B 78 -2.82 11.35 -12.44
C PRO B 78 -3.40 11.44 -11.07
N VAL B 79 -3.80 10.29 -10.54
CA VAL B 79 -4.15 10.16 -9.12
C VAL B 79 -2.89 9.57 -8.47
N VAL B 80 -2.44 8.42 -8.99
CA VAL B 80 -1.20 7.78 -8.56
C VAL B 80 -0.03 8.42 -9.33
N ASN B 81 1.11 8.59 -8.68
CA ASN B 81 2.31 9.05 -9.38
C ASN B 81 3.10 7.85 -9.83
N LYS B 83 5.49 7.27 -12.10
CA LYS B 83 6.92 7.34 -12.24
C LYS B 83 7.57 7.11 -10.85
N LYS B 84 7.09 7.80 -9.82
CA LYS B 84 7.66 7.63 -8.48
C LYS B 84 7.36 6.26 -7.88
N LEU B 85 6.17 5.72 -8.20
CA LEU B 85 5.76 4.40 -7.69
C LEU B 85 6.66 3.31 -8.25
N LEU B 86 6.83 3.29 -9.58
CA LEU B 86 7.58 2.23 -10.25
C LEU B 86 9.09 2.21 -9.94
N GLU B 87 9.63 3.35 -9.51
CA GLU B 87 11.01 3.47 -9.07
C GLU B 87 11.22 2.55 -7.88
N ARG B 88 10.29 2.62 -6.95
CA ARG B 88 10.30 1.76 -5.78
C ARG B 88 9.75 0.34 -6.06
N TYR B 89 8.61 0.24 -6.73
CA TYR B 89 8.00 -1.06 -7.00
C TYR B 89 7.83 -1.35 -8.50
N PRO B 90 8.92 -1.68 -9.22
CA PRO B 90 8.76 -1.90 -10.67
C PRO B 90 7.71 -2.93 -11.04
N SER B 91 7.44 -3.91 -10.19
CA SER B 91 6.46 -4.93 -10.54
C SER B 91 4.99 -4.54 -10.27
N TYR B 92 4.73 -3.32 -9.79
CA TYR B 92 3.36 -2.87 -9.61
C TYR B 92 2.64 -2.54 -10.94
N ILE B 93 3.38 -2.49 -12.04
CA ILE B 93 2.79 -2.34 -13.37
C ILE B 93 2.94 -3.69 -14.03
N ASN B 94 1.96 -4.08 -14.81
CA ASN B 94 1.94 -5.42 -15.40
C ASN B 94 1.39 -5.41 -16.82
N PRO B 95 2.29 -5.31 -17.81
CA PRO B 95 1.84 -5.37 -19.18
C PRO B 95 1.81 -6.81 -19.66
N LYS B 96 0.86 -7.13 -20.50
CA LYS B 96 0.78 -8.47 -21.06
C LYS B 96 0.38 -8.26 -22.52
N GLU B 97 1.27 -8.60 -23.46
CA GLU B 97 0.95 -8.48 -24.87
C GLU B 97 -0.28 -9.35 -25.18
N LEU B 98 -1.25 -8.73 -25.85
CA LEU B 98 -2.36 -9.45 -26.47
C LEU B 98 -2.23 -9.21 -27.95
N ARG B 99 -2.99 -9.97 -28.72
CA ARG B 99 -3.05 -9.80 -30.16
C ARG B 99 -4.37 -10.42 -30.51
N THR B 100 -5.41 -9.61 -30.51
CA THR B 100 -6.69 -10.15 -30.78
C THR B 100 -7.62 -9.12 -31.36
N THR B 101 -8.79 -9.60 -31.74
CA THR B 101 -9.87 -8.77 -32.31
C THR B 101 -11.19 -9.01 -31.56
N GLU B 102 -11.99 -7.96 -31.49
CA GLU B 102 -13.21 -7.99 -30.72
C GLU B 102 -14.28 -7.24 -31.49
N THR B 103 -15.40 -7.90 -31.65
CA THR B 103 -16.57 -7.30 -32.24
C THR B 103 -17.70 -7.39 -31.18
N LYS B 104 -18.14 -6.24 -30.65
CA LYS B 104 -19.21 -6.22 -29.62
C LYS B 104 -20.31 -5.29 -30.07
N ALA B 105 -21.55 -5.72 -29.97
CA ALA B 105 -22.70 -4.88 -30.35
C ALA B 105 -23.74 -4.89 -29.23
N LEU B 106 -24.39 -3.73 -29.03
CA LEU B 106 -25.44 -3.55 -28.01
C LEU B 106 -26.60 -2.72 -28.54
N SER B 107 -27.80 -3.25 -28.38
CA SER B 107 -29.03 -2.55 -28.71
C SER B 107 -29.79 -2.28 -27.43
N TYR B 108 -30.36 -1.08 -27.31
CA TYR B 108 -31.01 -0.72 -26.06
C TYR B 108 -32.15 0.27 -26.27
N SER B 109 -33.33 -0.07 -25.75
CA SER B 109 -34.55 0.69 -26.02
C SER B 109 -34.64 1.97 -25.18
N ASP B 110 -33.82 2.07 -24.14
CA ASP B 110 -33.74 3.26 -23.31
C ASP B 110 -32.49 3.15 -22.45
N PHE B 111 -32.27 4.14 -21.59
CA PHE B 111 -30.99 4.24 -20.92
C PHE B 111 -30.81 3.41 -19.68
N ASP B 112 -31.81 2.61 -19.34
CA ASP B 112 -31.66 1.58 -18.31
C ASP B 112 -31.34 0.27 -18.99
N ARG B 113 -31.97 0.04 -20.14
CA ARG B 113 -31.73 -1.15 -20.96
C ARG B 113 -30.29 -1.18 -21.43
N LEU B 114 -29.70 0.01 -21.55
CA LEU B 114 -28.27 0.24 -21.84
C LEU B 114 -27.33 -0.67 -21.04
N GLU B 115 -27.72 -0.95 -19.80
CA GLU B 115 -26.93 -1.84 -18.96
C GLU B 115 -27.47 -3.28 -18.89
N LYS B 116 -28.24 -3.71 -19.89
CA LYS B 116 -28.80 -5.05 -19.89
C LYS B 116 -27.72 -6.13 -19.86
N ASN B 117 -26.56 -5.86 -20.42
CA ASN B 117 -25.45 -6.84 -20.28
C ASN B 117 -24.41 -6.41 -19.26
N LYS B 118 -24.80 -5.51 -18.37
CA LYS B 118 -23.89 -4.99 -17.36
C LYS B 118 -22.51 -4.57 -17.93
N THR B 119 -22.53 -3.95 -19.10
CA THR B 119 -21.28 -3.61 -19.78
C THR B 119 -20.42 -2.61 -18.99
N PHE B 120 -21.02 -1.56 -18.49
CA PHE B 120 -20.27 -0.63 -17.64
C PHE B 120 -20.12 -1.18 -16.25
N THR B 121 -21.21 -1.69 -15.72
CA THR B 121 -21.28 -2.21 -14.37
C THR B 121 -20.08 -3.10 -14.03
N LYS B 122 -19.72 -3.99 -14.93
CA LYS B 122 -18.68 -4.97 -14.64
C LYS B 122 -17.26 -4.41 -14.72
N THR B 123 -17.11 -3.19 -15.23
CA THR B 123 -15.79 -2.53 -15.24
C THR B 123 -15.39 -2.01 -13.86
N VAL B 124 -16.33 -1.91 -12.91
CA VAL B 124 -16.03 -1.31 -11.63
C VAL B 124 -15.78 -2.38 -10.60
N LYS B 125 -14.75 -2.17 -9.78
CA LYS B 125 -14.34 -3.13 -8.77
C LYS B 125 -15.50 -3.86 -8.14
N SER B 126 -15.36 -5.17 -8.03
CA SER B 126 -16.40 -5.97 -7.45
C SER B 126 -16.57 -5.64 -5.97
N GLY B 127 -17.82 -5.51 -5.55
CA GLY B 127 -18.14 -5.29 -4.17
C GLY B 127 -18.28 -3.82 -3.84
N PHE B 128 -17.82 -2.93 -4.72
CA PHE B 128 -17.98 -1.51 -4.48
C PHE B 128 -19.38 -1.08 -4.87
N SER B 129 -20.00 -0.25 -4.04
CA SER B 129 -21.37 0.20 -4.25
C SER B 129 -21.37 1.27 -5.32
N LEU B 130 -22.05 0.92 -6.41
CA LEU B 130 -22.01 1.63 -7.65
C LEU B 130 -23.31 2.35 -7.89
N ASN B 131 -23.18 3.61 -8.20
CA ASN B 131 -24.30 4.41 -8.64
C ASN B 131 -24.25 4.28 -10.16
N LEU B 132 -25.32 3.79 -10.78
CA LEU B 132 -25.37 3.69 -12.22
C LEU B 132 -25.85 5.03 -12.84
N GLY B 133 -26.25 5.99 -12.01
CA GLY B 133 -26.72 7.31 -12.48
C GLY B 133 -25.75 7.98 -13.42
N PRO B 134 -24.49 8.17 -12.98
CA PRO B 134 -23.45 8.80 -13.81
C PRO B 134 -23.28 8.19 -15.21
N PHE B 135 -23.19 6.88 -15.30
CA PHE B 135 -22.98 6.27 -16.61
C PHE B 135 -24.19 6.46 -17.53
N LYS B 136 -25.38 6.26 -16.98
CA LYS B 136 -26.60 6.31 -17.75
C LYS B 136 -26.92 7.73 -18.21
N PHE B 137 -26.83 8.69 -17.29
CA PHE B 137 -27.01 10.09 -17.65
C PHE B 137 -25.97 10.57 -18.66
N GLY B 138 -24.74 10.08 -18.56
CA GLY B 138 -23.68 10.52 -19.46
C GLY B 138 -23.98 10.13 -20.89
N ARG B 139 -24.41 8.88 -21.06
CA ARG B 139 -24.72 8.33 -22.36
C ARG B 139 -25.94 9.05 -22.93
N GLN B 140 -26.94 9.27 -22.09
CA GLN B 140 -28.15 9.96 -22.52
C GLN B 140 -27.83 11.38 -23.02
N LYS B 141 -26.96 12.06 -22.29
CA LYS B 141 -26.53 13.41 -22.65
C LYS B 141 -25.81 13.38 -24.00
N THR B 142 -24.93 12.37 -24.17
CA THR B 142 -24.23 12.15 -25.43
C THR B 142 -25.20 11.93 -26.62
N ILE B 143 -26.19 11.06 -26.45
CA ILE B 143 -27.11 10.73 -27.54
C ILE B 143 -27.90 11.97 -27.96
N LYS B 144 -28.31 12.75 -26.97
CA LYS B 144 -29.01 14.00 -27.21
C LYS B 144 -28.14 14.93 -28.03
N GLU B 145 -26.90 15.14 -27.59
CA GLU B 145 -25.99 16.01 -28.32
C GLU B 145 -25.55 15.45 -29.66
N THR B 146 -25.59 14.13 -29.87
CA THR B 146 -25.05 13.50 -31.10
C THR B 146 -26.05 13.40 -32.23
N PHE B 147 -27.33 13.33 -31.89
CA PHE B 147 -28.35 13.05 -32.87
C PHE B 147 -29.36 14.18 -32.86
N VAL B 148 -29.69 14.67 -34.06
CA VAL B 148 -30.59 15.80 -34.24
C VAL B 148 -31.71 15.75 -33.22
N HIS B 149 -31.88 16.86 -32.50
CA HIS B 149 -33.07 17.08 -31.65
C HIS B 149 -34.29 16.62 -32.47
N ASN B 150 -35.26 16.08 -31.74
CA ASN B 150 -36.41 15.49 -32.35
C ASN B 150 -37.61 15.54 -31.40
N THR B 151 -38.77 15.70 -32.02
CA THR B 151 -40.07 15.63 -31.35
C THR B 151 -40.39 14.14 -31.06
N ASP B 152 -39.56 13.28 -31.67
CA ASP B 152 -39.71 11.81 -31.71
C ASP B 152 -40.45 11.08 -30.59
N ASP B 153 -41.34 10.21 -31.02
CA ASP B 153 -42.08 9.33 -30.14
C ASP B 153 -41.11 8.30 -29.57
N SER B 154 -40.87 8.38 -28.27
CA SER B 154 -39.97 7.48 -27.57
C SER B 154 -40.35 6.03 -27.68
N GLU B 155 -41.65 5.77 -27.89
CA GLU B 155 -42.14 4.39 -27.96
C GLU B 155 -41.43 3.66 -29.11
N LYS B 156 -41.19 4.39 -30.19
CA LYS B 156 -40.59 3.83 -31.38
C LYS B 156 -39.06 3.84 -31.36
N VAL B 157 -38.46 4.65 -30.48
CA VAL B 157 -37.01 4.88 -30.51
C VAL B 157 -36.25 3.69 -29.96
N VAL B 158 -35.15 3.35 -30.61
CA VAL B 158 -34.20 2.36 -30.10
C VAL B 158 -32.77 2.80 -30.44
N HIS B 159 -31.86 2.54 -29.50
CA HIS B 159 -30.46 2.94 -29.58
C HIS B 159 -29.54 1.75 -29.82
N GLY B 160 -28.37 2.05 -30.38
CA GLY B 160 -27.40 1.02 -30.71
C GLY B 160 -25.96 1.44 -30.51
N GLU B 161 -25.11 0.44 -30.28
CA GLU B 161 -23.69 0.64 -30.19
C GLU B 161 -22.91 -0.55 -30.73
N LEU B 162 -21.81 -0.22 -31.41
CA LEU B 162 -20.90 -1.18 -32.01
C LEU B 162 -19.47 -0.86 -31.51
N SER B 163 -18.71 -1.90 -31.20
CA SER B 163 -17.31 -1.75 -30.89
C SER B 163 -16.53 -2.70 -31.77
N ILE B 164 -15.56 -2.12 -32.48
CA ILE B 164 -14.66 -2.87 -33.34
C ILE B 164 -13.28 -2.62 -32.77
N GLU B 165 -12.62 -3.67 -32.28
CA GLU B 165 -11.37 -3.53 -31.55
C GLU B 165 -10.22 -4.39 -32.10
N VAL B 166 -9.10 -3.74 -32.37
CA VAL B 166 -7.84 -4.40 -32.59
C VAL B 166 -7.16 -4.32 -31.23
N VAL B 167 -7.11 -5.43 -30.50
CA VAL B 167 -6.59 -5.44 -29.14
C VAL B 167 -5.15 -5.90 -29.17
N ASN B 168 -4.24 -5.04 -28.74
CA ASN B 168 -2.83 -5.38 -28.81
C ASN B 168 -2.12 -5.51 -27.48
N GLY B 169 -2.63 -4.84 -26.48
CA GLY B 169 -2.09 -4.95 -25.14
C GLY B 169 -3.12 -4.88 -24.03
N LEU B 171 -3.01 -3.84 -19.66
CA LEU B 171 -2.22 -3.19 -18.61
C LEU B 171 -2.98 -3.26 -17.30
N ASN B 172 -2.26 -3.59 -16.23
CA ASN B 172 -2.82 -3.70 -14.88
C ASN B 172 -1.89 -3.07 -13.80
N LEU B 173 -2.50 -2.36 -12.87
CA LEU B 173 -1.85 -1.89 -11.65
C LEU B 173 -2.01 -2.94 -10.54
N GLN B 174 -0.98 -3.11 -9.71
CA GLN B 174 -1.14 -4.00 -8.55
C GLN B 174 -2.18 -3.40 -7.60
N THR B 175 -3.24 -4.15 -7.31
CA THR B 175 -4.35 -3.68 -6.44
C THR B 175 -4.56 -4.46 -5.11
N ALA B 176 -3.61 -5.33 -4.73
CA ALA B 176 -3.70 -5.97 -3.42
C ALA B 176 -3.84 -4.88 -2.36
N PRO B 177 -4.73 -5.11 -1.40
CA PRO B 177 -5.00 -4.14 -0.36
C PRO B 177 -3.81 -3.46 0.22
N SER B 178 -2.75 -4.22 0.51
CA SER B 178 -1.56 -3.62 1.16
C SER B 178 -0.66 -2.81 0.17
N ALA B 179 -0.74 -3.14 -1.11
CA ALA B 179 -0.17 -2.31 -2.17
C ALA B 179 -0.94 -1.00 -2.25
N LEU B 180 -2.28 -1.08 -2.18
CA LEU B 180 -3.09 0.15 -2.16
C LEU B 180 -2.74 1.05 -0.97
N ARG B 181 -2.52 0.44 0.19
CA ARG B 181 -2.14 1.22 1.37
CA ARG B 181 -2.16 1.22 1.38
C ARG B 181 -0.82 1.92 1.09
N LYS B 182 0.14 1.18 0.54
CA LYS B 182 1.44 1.75 0.21
C LYS B 182 1.37 2.88 -0.80
N ILE B 183 0.53 2.69 -1.84
CA ILE B 183 0.34 3.75 -2.82
C ILE B 183 -0.25 4.97 -2.16
N ALA B 184 -1.34 4.75 -1.43
CA ALA B 184 -2.02 5.81 -0.70
C ALA B 184 -1.10 6.64 0.17
N ALA B 185 -0.17 5.97 0.85
CA ALA B 185 0.67 6.60 1.82
C ALA B 185 1.76 7.51 1.22
N ASP B 186 2.33 7.17 0.05
CA ASP B 186 3.57 7.83 -0.43
C ASP B 186 3.68 8.23 -1.91
N TYR B 187 2.72 7.77 -2.70
CA TYR B 187 2.83 7.79 -4.15
C TYR B 187 1.70 8.48 -4.88
N LEU B 188 0.93 9.31 -4.19
CA LEU B 188 -0.11 10.09 -4.86
C LEU B 188 0.50 11.32 -5.56
N ASP B 189 -0.07 11.61 -6.72
CA ASP B 189 0.24 12.83 -7.44
C ASP B 189 -0.01 14.07 -6.56
N GLU B 190 0.91 15.00 -6.62
CA GLU B 190 0.91 16.25 -5.89
C GLU B 190 -0.41 17.03 -6.03
N LEU B 191 -0.92 17.11 -7.26
CA LEU B 191 -2.09 17.93 -7.52
C LEU B 191 -3.35 17.24 -7.07
N PHE B 192 -3.30 15.92 -7.01
CA PHE B 192 -4.35 15.14 -6.38
C PHE B 192 -4.43 15.39 -4.86
N VAL B 193 -3.27 15.41 -4.17
CA VAL B 193 -3.23 15.66 -2.73
C VAL B 193 -3.82 17.04 -2.46
N ASP B 194 -3.35 18.01 -3.24
CA ASP B 194 -3.90 19.33 -3.25
C ASP B 194 -5.41 19.36 -3.40
N ALA B 195 -5.93 18.66 -4.41
CA ALA B 195 -7.35 18.63 -4.65
C ALA B 195 -8.05 18.04 -3.41
N LEU B 196 -7.43 17.04 -2.83
CA LEU B 196 -7.97 16.35 -1.68
C LEU B 196 -8.07 17.26 -0.46
N TYR B 197 -7.10 18.16 -0.26
CA TYR B 197 -7.14 19.03 0.92
C TYR B 197 -7.58 20.46 0.69
N ASN B 198 -7.68 20.86 -0.57
CA ASN B 198 -7.99 22.27 -0.89
C ASN B 198 -9.26 22.48 -1.65
N SER B 199 -10.01 21.40 -1.84
CA SER B 199 -11.37 21.50 -2.38
C SER B 199 -12.28 20.47 -1.71
N SER B 200 -13.55 20.55 -2.02
CA SER B 200 -14.52 19.59 -1.54
C SER B 200 -14.47 18.34 -2.40
N VAL B 202 -16.90 16.82 -3.72
CA VAL B 202 -17.70 17.18 -4.90
C VAL B 202 -16.84 17.88 -5.96
N GLU B 203 -16.12 18.93 -5.57
CA GLU B 203 -15.25 19.66 -6.51
C GLU B 203 -14.22 18.73 -7.16
N LEU B 204 -13.59 17.93 -6.32
CA LEU B 204 -12.58 16.95 -6.75
C LEU B 204 -13.16 16.00 -7.81
N GLN B 206 -15.90 16.51 -9.75
CA GLN B 206 -16.18 17.28 -10.98
C GLN B 206 -14.89 17.54 -11.77
N SER B 207 -13.76 17.67 -11.08
CA SER B 207 -12.51 17.90 -11.74
C SER B 207 -11.83 16.61 -12.26
N TYR B 208 -11.72 15.60 -11.42
CA TYR B 208 -10.98 14.38 -11.77
C TYR B 208 -11.80 13.31 -12.43
N GLY B 209 -13.11 13.29 -12.14
CA GLY B 209 -13.94 12.13 -12.46
C GLY B 209 -14.08 11.29 -11.20
N GLU B 210 -14.60 10.08 -11.36
CA GLU B 210 -15.07 9.26 -10.24
C GLU B 210 -14.24 8.05 -9.88
N PHE B 211 -13.46 7.53 -10.82
CA PHE B 211 -12.68 6.33 -10.58
C PHE B 211 -11.24 6.47 -10.98
N VAL B 212 -10.43 5.49 -10.59
CA VAL B 212 -9.03 5.45 -10.92
C VAL B 212 -8.83 4.21 -11.79
N LEU B 213 -7.99 4.34 -12.83
CA LEU B 213 -7.78 3.24 -13.78
C LEU B 213 -6.78 2.20 -13.26
N THR B 214 -7.23 0.97 -13.09
CA THR B 214 -6.32 -0.11 -12.66
C THR B 214 -6.14 -1.26 -13.68
N GLY B 215 -7.07 -1.44 -14.61
CA GLY B 215 -7.02 -2.51 -15.63
C GLY B 215 -7.63 -2.10 -16.99
N TYR B 216 -6.83 -2.10 -18.06
CA TYR B 216 -7.36 -1.71 -19.37
C TYR B 216 -6.64 -2.36 -20.54
N TYR B 217 -7.23 -2.17 -21.72
CA TYR B 217 -6.74 -2.74 -22.95
C TYR B 217 -6.27 -1.62 -23.85
N THR B 218 -5.31 -1.94 -24.73
CA THR B 218 -4.76 -0.96 -25.67
C THR B 218 -4.78 -1.51 -27.10
N GLY B 219 -4.87 -0.61 -28.05
CA GLY B 219 -5.00 -0.98 -29.44
C GLY B 219 -5.68 0.15 -30.17
N GLY B 220 -6.62 -0.22 -31.05
CA GLY B 220 -7.39 0.74 -31.82
C GLY B 220 -8.84 0.31 -31.72
N ARG B 221 -9.72 1.29 -31.69
CA ARG B 221 -11.13 0.99 -31.64
C ARG B 221 -11.93 1.90 -32.57
N ALA B 222 -12.90 1.33 -33.26
CA ALA B 222 -13.90 2.11 -33.98
C ALA B 222 -15.14 1.94 -33.15
N SER B 223 -15.74 3.06 -32.73
CA SER B 223 -16.99 3.06 -31.96
C SER B 223 -18.03 3.70 -32.82
N ALA B 224 -19.24 3.12 -32.84
CA ALA B 224 -20.37 3.61 -33.63
C ALA B 224 -21.58 3.60 -32.73
N LEU B 225 -22.32 4.71 -32.73
CA LEU B 225 -23.59 4.82 -32.04
C LEU B 225 -24.71 4.95 -33.11
N PHE B 226 -25.87 4.36 -32.80
CA PHE B 226 -26.99 4.29 -33.70
C PHE B 226 -28.24 4.83 -33.02
N TYR B 227 -29.07 5.49 -33.81
CA TYR B 227 -30.34 6.05 -33.34
C TYR B 227 -31.42 5.64 -34.37
N GLY B 228 -32.38 4.82 -33.92
CA GLY B 228 -33.37 4.23 -34.82
C GLY B 228 -34.80 4.54 -34.42
N VAL B 229 -35.64 4.81 -35.43
CA VAL B 229 -37.08 4.92 -35.23
C VAL B 229 -37.67 3.66 -35.84
N ASP B 230 -38.13 2.75 -34.98
CA ASP B 230 -38.67 1.48 -35.41
C ASP B 230 -40.07 1.70 -35.94
N THR B 231 -40.37 1.22 -37.14
CA THR B 231 -41.66 1.52 -37.75
C THR B 231 -42.81 0.78 -37.11
N ASN B 232 -42.64 -0.51 -36.83
CA ASN B 232 -43.80 -1.34 -36.46
C ASN B 232 -43.88 -1.90 -35.04
N SER B 233 -42.76 -1.91 -34.31
CA SER B 233 -42.76 -2.37 -32.90
C SER B 233 -42.48 -1.23 -31.93
N ILE B 234 -43.11 -1.32 -30.74
CA ILE B 234 -42.76 -0.46 -29.63
C ILE B 234 -42.25 -1.24 -28.41
N GLN B 235 -42.41 -2.57 -28.38
CA GLN B 235 -41.93 -3.40 -27.25
C GLN B 235 -40.42 -3.56 -27.33
N PHE B 236 -39.75 -3.39 -26.20
CA PHE B 236 -38.29 -3.22 -26.19
C PHE B 236 -37.53 -4.42 -26.79
N ASP B 237 -37.97 -5.62 -26.45
CA ASP B 237 -37.30 -6.83 -26.96
CA ASP B 237 -37.38 -6.86 -26.97
C ASP B 237 -37.31 -6.85 -28.50
N SER B 238 -38.46 -6.63 -29.12
CA SER B 238 -38.62 -6.63 -30.57
C SER B 238 -37.79 -5.52 -31.20
N LYS B 239 -37.83 -4.31 -30.62
CA LYS B 239 -37.01 -3.21 -31.14
C LYS B 239 -35.52 -3.52 -31.07
N GLU B 240 -35.10 -4.14 -29.98
CA GLU B 240 -33.68 -4.45 -29.86
C GLU B 240 -33.24 -5.56 -30.84
N LYS B 241 -34.13 -6.52 -31.13
CA LYS B 241 -33.84 -7.56 -32.15
C LYS B 241 -33.65 -6.85 -33.50
N ASP B 242 -34.46 -5.83 -33.77
CA ASP B 242 -34.34 -5.09 -35.04
C ASP B 242 -33.02 -4.32 -35.12
N ASP B 244 -30.27 -5.12 -33.38
CA ASP B 244 -29.21 -6.13 -33.51
C ASP B 244 -29.03 -6.48 -34.98
N VAL B 245 -30.13 -6.89 -35.63
CA VAL B 245 -30.07 -7.24 -37.03
C VAL B 245 -29.49 -6.11 -37.87
N ALA B 246 -29.92 -4.89 -37.61
CA ALA B 246 -29.48 -3.73 -38.39
C ALA B 246 -27.98 -3.53 -38.23
N ILE B 247 -27.49 -3.57 -36.98
CA ILE B 247 -26.07 -3.32 -36.70
C ILE B 247 -25.21 -4.27 -37.48
N ASN B 248 -25.57 -5.55 -37.48
CA ASN B 248 -24.82 -6.57 -38.24
C ASN B 248 -24.89 -6.45 -39.75
N ALA B 249 -25.95 -5.81 -40.25
CA ALA B 249 -26.11 -5.62 -41.67
C ALA B 249 -25.46 -4.31 -42.13
N SER B 250 -24.74 -3.62 -41.24
CA SER B 250 -24.27 -2.27 -41.53
C SER B 250 -22.77 -2.00 -41.28
N TYR B 251 -21.97 -3.06 -41.18
CA TYR B 251 -20.52 -2.91 -41.19
C TYR B 251 -19.90 -4.15 -41.80
N GLU B 252 -18.68 -4.01 -42.29
CA GLU B 252 -17.98 -5.13 -42.88
C GLU B 252 -16.52 -5.14 -42.44
N TRP B 253 -16.10 -6.27 -41.88
CA TRP B 253 -14.70 -6.48 -41.57
C TRP B 253 -14.18 -7.74 -42.32
N LYS B 254 -13.61 -7.51 -43.53
CA LYS B 254 -13.09 -8.59 -44.44
C LYS B 254 -11.58 -8.49 -44.67
N GLY B 270 -6.20 -5.97 -43.69
CA GLY B 270 -7.65 -6.16 -43.62
C GLY B 270 -8.49 -5.07 -44.30
N ASN B 271 -9.81 -5.17 -44.14
CA ASN B 271 -10.72 -4.22 -44.79
C ASN B 271 -11.93 -3.86 -43.94
N LEU B 272 -12.20 -2.57 -43.75
CA LEU B 272 -13.25 -2.10 -42.81
C LEU B 272 -14.15 -0.94 -43.29
N SER B 273 -15.46 -1.12 -43.14
CA SER B 273 -16.43 -0.06 -43.44
C SER B 273 -17.71 -0.16 -42.59
N ILE B 274 -18.27 1.00 -42.24
CA ILE B 274 -19.57 1.10 -41.59
C ILE B 274 -20.50 1.76 -42.58
N GLY B 275 -21.73 1.30 -42.62
CA GLY B 275 -22.71 1.75 -43.60
C GLY B 275 -23.36 0.53 -44.20
N THR B 276 -24.66 0.61 -44.45
CA THR B 276 -25.36 -0.50 -45.10
C THR B 276 -24.99 -0.50 -46.57
N LYS B 277 -24.74 -1.71 -47.07
CA LYS B 277 -24.61 -1.95 -48.49
C LYS B 277 -26.01 -1.82 -49.12
N ARG B 278 -26.06 -1.22 -50.31
CA ARG B 278 -27.33 -1.07 -51.06
C ARG B 278 -28.11 -2.40 -51.13
N GLU B 279 -27.39 -3.53 -51.10
CA GLU B 279 -28.00 -4.88 -51.18
C GLU B 279 -28.80 -5.20 -49.94
N ASN B 280 -28.14 -5.23 -48.79
CA ASN B 280 -28.78 -5.58 -47.51
C ASN B 280 -29.75 -4.51 -46.96
N SER B 281 -29.87 -3.37 -47.64
CA SER B 281 -30.64 -2.22 -47.14
C SER B 281 -32.12 -2.52 -46.84
N GLU B 282 -32.71 -3.46 -47.58
CA GLU B 282 -34.08 -3.92 -47.34
C GLU B 282 -34.20 -4.46 -45.90
N THR B 283 -33.16 -5.14 -45.41
CA THR B 283 -33.15 -5.63 -44.03
C THR B 283 -33.30 -4.52 -43.00
N ILE B 284 -33.01 -3.27 -43.38
CA ILE B 284 -33.08 -2.14 -42.45
C ILE B 284 -34.34 -1.32 -42.61
N THR B 285 -34.66 -0.91 -43.85
CA THR B 285 -35.80 -0.02 -44.09
C THR B 285 -37.15 -0.71 -43.80
N ASN B 286 -37.11 -2.04 -43.77
CA ASN B 286 -38.24 -2.88 -43.38
C ASN B 286 -38.67 -2.67 -41.94
N LYS B 287 -37.70 -2.42 -41.08
CA LYS B 287 -37.96 -2.26 -39.64
C LYS B 287 -37.89 -0.80 -39.16
N PHE B 288 -37.09 0.03 -39.82
CA PHE B 288 -36.87 1.42 -39.41
C PHE B 288 -37.29 2.37 -40.49
N SER B 289 -38.02 3.40 -40.08
CA SER B 289 -38.31 4.54 -40.91
C SER B 289 -37.07 5.45 -40.90
N ALA B 290 -36.29 5.43 -39.83
CA ALA B 290 -35.04 6.19 -39.80
C ALA B 290 -34.02 5.48 -38.92
N LEU B 291 -32.77 5.47 -39.40
CA LEU B 291 -31.62 4.92 -38.67
C LEU B 291 -30.36 5.75 -38.97
N SER B 292 -29.93 6.52 -37.97
CA SER B 292 -28.75 7.37 -38.07
C SER B 292 -27.59 6.82 -37.25
N TYR B 293 -26.36 7.08 -37.72
CA TYR B 293 -25.17 6.62 -37.03
C TYR B 293 -24.09 7.69 -36.97
N SER B 294 -23.23 7.55 -35.97
CA SER B 294 -22.07 8.42 -35.78
C SER B 294 -20.90 7.54 -35.35
N ILE B 295 -19.71 7.78 -35.90
CA ILE B 295 -18.57 6.99 -35.52
C ILE B 295 -17.46 7.84 -34.95
N LYS B 296 -16.61 7.19 -34.17
CA LYS B 296 -15.36 7.76 -33.71
C LYS B 296 -14.33 6.65 -33.66
N THR B 297 -13.09 6.97 -34.03
CA THR B 297 -11.96 6.03 -33.94
C THR B 297 -11.04 6.39 -32.75
N LEU B 298 -10.44 5.37 -32.12
CA LEU B 298 -9.46 5.56 -31.04
C LEU B 298 -8.13 4.97 -31.49
N GLY B 299 -7.09 5.80 -31.54
CA GLY B 299 -5.80 5.37 -32.06
C GLY B 299 -5.71 5.28 -33.57
N GLY B 300 -4.53 4.90 -34.05
CA GLY B 300 -4.18 4.92 -35.48
C GLY B 300 -3.99 6.34 -35.99
N ALA B 301 -4.24 6.51 -37.28
CA ALA B 301 -4.35 7.80 -37.94
C ALA B 301 -5.34 7.66 -39.12
N TYR B 302 -5.61 8.74 -39.84
CA TYR B 302 -6.49 8.72 -41.02
C TYR B 302 -7.91 8.25 -40.70
N GLY B 303 -8.28 8.36 -39.43
CA GLY B 303 -9.57 7.90 -38.94
C GLY B 303 -10.46 9.09 -38.66
N TYR B 304 -11.17 9.02 -37.53
CA TYR B 304 -12.18 10.01 -37.20
C TYR B 304 -12.15 10.19 -35.70
N SER B 305 -11.16 10.94 -35.22
CA SER B 305 -10.90 11.03 -33.79
C SER B 305 -11.82 11.98 -33.05
N ILE B 306 -12.63 12.75 -33.77
CA ILE B 306 -13.70 13.53 -33.16
C ILE B 306 -14.99 12.88 -33.63
N SER B 307 -15.95 12.64 -32.74
CA SER B 307 -17.22 12.02 -33.14
C SER B 307 -17.76 12.74 -34.38
N THR B 308 -18.19 11.97 -35.37
CA THR B 308 -18.74 12.52 -36.62
C THR B 308 -20.14 13.08 -36.41
N PRO B 309 -20.60 13.90 -37.35
CA PRO B 309 -22.02 14.21 -37.37
C PRO B 309 -22.82 12.95 -37.67
N PRO B 310 -24.12 12.96 -37.38
CA PRO B 310 -24.98 11.81 -37.70
C PRO B 310 -25.26 11.69 -39.18
N TYR B 311 -25.11 10.50 -39.74
CA TYR B 311 -25.53 10.23 -41.13
C TYR B 311 -26.62 9.16 -41.22
N ASP B 312 -27.30 9.07 -42.37
CA ASP B 312 -28.26 8.00 -42.67
C ASP B 312 -27.49 6.70 -42.96
N ILE B 313 -27.73 5.66 -42.17
CA ILE B 313 -26.99 4.40 -42.32
C ILE B 313 -27.09 3.76 -43.72
N THR B 314 -28.17 4.02 -44.45
CA THR B 314 -28.42 3.32 -45.72
C THR B 314 -27.94 4.09 -46.96
N ASN B 315 -27.59 5.37 -46.79
CA ASN B 315 -27.13 6.20 -47.88
C ASN B 315 -25.73 6.75 -47.74
N TYR B 316 -25.27 6.95 -46.51
CA TYR B 316 -23.87 7.37 -46.27
C TYR B 316 -23.06 6.18 -45.76
N SER B 317 -21.87 6.01 -46.30
CA SER B 317 -20.99 4.94 -45.88
C SER B 317 -19.60 5.51 -45.61
N ILE B 318 -18.91 4.97 -44.61
CA ILE B 318 -17.55 5.45 -44.23
C ILE B 318 -16.58 4.29 -44.26
N ASP B 319 -15.50 4.46 -45.01
CA ASP B 319 -14.48 3.44 -45.16
C ASP B 319 -13.32 3.69 -44.19
N LEU B 320 -13.11 2.75 -43.27
CA LEU B 320 -12.04 2.87 -42.27
C LEU B 320 -10.84 1.96 -42.60
N THR B 321 -10.59 1.72 -43.88
CA THR B 321 -9.47 0.85 -44.26
C THR B 321 -8.09 1.50 -44.01
N PRO B 322 -7.92 2.79 -44.38
CA PRO B 322 -6.61 3.39 -44.09
C PRO B 322 -6.35 3.48 -42.59
N TRP B 323 -7.40 3.72 -41.82
CA TRP B 323 -7.29 3.73 -40.38
C TRP B 323 -6.95 2.34 -39.85
N LEU B 324 -7.71 1.33 -40.24
CA LEU B 324 -7.46 -0.03 -39.78
C LEU B 324 -6.00 -0.39 -39.99
N GLN B 325 -5.47 -0.14 -41.18
CA GLN B 325 -4.09 -0.58 -41.45
C GLN B 325 -3.02 0.35 -40.83
N SER B 326 -3.44 1.52 -40.33
CA SER B 326 -2.54 2.41 -39.58
C SER B 326 -2.24 1.81 -38.20
N LEU B 327 -3.11 0.93 -37.74
CA LEU B 327 -2.92 0.25 -36.47
C LEU B 327 -1.78 -0.77 -36.48
N ASN B 328 -1.20 -1.04 -37.63
CA ASN B 328 -0.01 -1.90 -37.70
C ASN B 328 1.17 -1.31 -36.96
N ASP B 329 1.27 0.02 -36.95
CA ASP B 329 2.28 0.70 -36.15
C ASP B 329 1.79 0.74 -34.68
N PRO B 330 2.38 -0.11 -33.80
CA PRO B 330 1.90 -0.16 -32.42
C PRO B 330 2.03 1.14 -31.66
N LYS B 331 2.84 2.06 -32.17
CA LYS B 331 3.02 3.35 -31.51
C LYS B 331 1.81 4.28 -31.68
N THR B 332 0.89 3.95 -32.58
CA THR B 332 -0.36 4.71 -32.70
C THR B 332 -1.45 4.18 -31.77
N HIS B 333 -1.20 3.09 -31.05
CA HIS B 333 -2.22 2.53 -30.15
C HIS B 333 -2.47 3.41 -28.95
N THR B 334 -3.63 3.22 -28.33
CA THR B 334 -3.98 3.99 -27.15
C THR B 334 -4.87 3.11 -26.30
N ILE B 336 -8.16 1.70 -25.24
CA ILE B 336 -9.41 1.52 -26.01
C ILE B 336 -10.58 0.89 -25.27
N ASP B 337 -10.35 0.30 -24.11
CA ASP B 337 -11.39 -0.40 -23.39
C ASP B 337 -10.91 -0.75 -21.98
N LEU B 338 -11.86 -0.97 -21.09
CA LEU B 338 -11.60 -1.35 -19.71
C LEU B 338 -11.68 -2.87 -19.49
N GLN B 339 -10.91 -3.38 -18.53
CA GLN B 339 -11.02 -4.75 -18.07
C GLN B 339 -12.14 -4.83 -17.06
N ASP B 340 -12.61 -6.04 -16.80
CA ASP B 340 -13.58 -6.22 -15.74
C ASP B 340 -12.90 -5.83 -14.44
N GLY B 341 -13.52 -4.94 -13.67
CA GLY B 341 -12.97 -4.49 -12.41
C GLY B 341 -11.76 -3.57 -12.59
N GLY B 342 -11.59 -3.04 -13.78
CA GLY B 342 -10.46 -2.17 -14.10
C GLY B 342 -10.61 -0.74 -13.64
N LEU B 343 -11.79 -0.38 -13.11
CA LEU B 343 -12.02 0.94 -12.49
C LEU B 343 -12.14 0.74 -10.99
N TYR B 344 -11.24 1.36 -10.20
CA TYR B 344 -11.31 1.33 -8.73
C TYR B 344 -11.83 2.64 -8.19
N PRO B 345 -12.50 2.59 -7.03
CA PRO B 345 -12.93 3.83 -6.39
C PRO B 345 -11.76 4.64 -5.86
N ILE B 346 -11.91 5.97 -5.88
CA ILE B 346 -10.92 6.90 -5.34
C ILE B 346 -10.63 6.56 -3.88
N SER B 347 -11.63 6.11 -3.15
CA SER B 347 -11.46 5.75 -1.74
C SER B 347 -10.39 4.67 -1.49
N ASP B 348 -10.13 3.82 -2.48
CA ASP B 348 -9.09 2.80 -2.32
C ASP B 348 -7.68 3.36 -2.36
N PHE B 349 -7.51 4.61 -2.80
CA PHE B 349 -6.20 5.22 -2.95
C PHE B 349 -5.85 6.29 -1.93
N ILE B 350 -6.67 6.43 -0.88
CA ILE B 350 -6.40 7.40 0.17
C ILE B 350 -6.53 6.78 1.59
N LEU B 351 -5.86 7.40 2.56
CA LEU B 351 -5.81 6.86 3.92
C LEU B 351 -6.87 7.46 4.88
N GLU B 352 -7.32 8.66 4.58
CA GLU B 352 -8.19 9.40 5.48
C GLU B 352 -9.57 8.72 5.52
N GLU B 353 -9.94 8.23 6.70
CA GLU B 353 -11.20 7.51 6.86
C GLU B 353 -12.41 8.33 6.38
N ASN B 354 -12.45 9.61 6.76
CA ASN B 354 -13.57 10.50 6.42
C ASN B 354 -13.62 10.88 4.96
N PHE B 355 -12.46 11.06 4.36
CA PHE B 355 -12.42 11.33 2.92
C PHE B 355 -12.91 10.12 2.15
N LYS B 356 -12.49 8.94 2.58
CA LYS B 356 -12.95 7.72 1.94
C LYS B 356 -14.44 7.62 1.98
N GLN B 357 -15.01 7.79 3.17
CA GLN B 357 -16.45 7.67 3.30
C GLN B 357 -17.18 8.76 2.56
N ARG B 358 -16.62 9.96 2.52
CA ARG B 358 -17.32 11.03 1.84
C ARG B 358 -17.34 10.74 0.37
N TYR B 359 -16.19 10.31 -0.21
CA TYR B 359 -16.18 9.84 -1.58
C TYR B 359 -17.30 8.80 -1.84
N ASN B 360 -17.28 7.69 -1.10
CA ASN B 360 -18.28 6.63 -1.29
C ASN B 360 -19.72 7.18 -1.25
N ASP B 361 -20.04 7.96 -0.24
CA ASP B 361 -21.43 8.40 -0.05
C ASP B 361 -21.83 9.57 -0.94
N THR B 362 -20.86 10.33 -1.44
CA THR B 362 -21.18 11.32 -2.45
C THR B 362 -21.49 10.56 -3.76
N HIS B 363 -20.79 9.46 -4.00
CA HIS B 363 -21.00 8.69 -5.20
C HIS B 363 -22.39 8.07 -5.18
N ASP B 365 -24.94 9.27 -3.63
CA ASP B 365 -25.92 10.34 -3.52
C ASP B 365 -26.50 10.50 -2.12
N PHE B 366 -25.75 10.14 -1.09
CA PHE B 366 -26.18 10.38 0.28
C PHE B 366 -25.64 11.69 0.82
N GLN B 367 -24.55 12.19 0.25
CA GLN B 367 -23.90 13.42 0.72
C GLN B 367 -23.58 14.31 -0.41
N TYR B 368 -23.67 15.62 -0.21
CA TYR B 368 -23.30 16.56 -1.25
C TYR B 368 -22.92 17.94 -0.75
N GLN B 369 -21.74 18.08 -0.14
CA GLN B 369 -21.29 19.41 0.26
C GLN B 369 -20.59 20.02 -0.93
N GLU B 370 -21.12 21.14 -1.45
CA GLU B 370 -20.55 21.82 -2.63
CA GLU B 370 -20.57 21.83 -2.62
C GLU B 370 -19.14 22.32 -2.38
N SER B 371 -18.93 23.00 -1.25
CA SER B 371 -17.61 23.60 -0.90
C SER B 371 -17.23 23.30 0.54
N LEU B 372 -15.93 23.36 0.81
CA LEU B 372 -15.47 23.31 2.18
C LEU B 372 -16.06 24.49 3.00
N GLU B 373 -16.20 24.28 4.31
CA GLU B 373 -16.89 25.22 5.20
C GLU B 373 -16.18 25.44 6.52
N GLU B 374 -16.71 26.39 7.30
CA GLU B 374 -16.22 26.74 8.62
C GLU B 374 -16.24 25.56 9.61
N PRO B 375 -15.06 25.11 10.03
CA PRO B 375 -15.06 24.16 11.12
C PRO B 375 -15.61 24.74 12.42
N TYR B 376 -16.07 23.86 13.31
CA TYR B 376 -16.56 24.23 14.63
C TYR B 376 -16.71 23.02 15.51
N ILE B 377 -16.77 23.24 16.82
CA ILE B 377 -17.02 22.20 17.80
C ILE B 377 -18.43 22.43 18.35
N GLU B 378 -19.25 21.38 18.35
CA GLU B 378 -20.55 21.41 18.99
C GLU B 378 -20.54 20.42 20.14
N ILE B 379 -21.02 20.86 21.30
CA ILE B 379 -21.13 20.01 22.48
C ILE B 379 -22.56 19.57 22.54
N ILE B 380 -22.79 18.29 22.27
CA ILE B 380 -24.16 17.74 22.22
C ILE B 380 -24.28 16.43 23.01
N LYS B 381 -25.41 15.74 22.89
CA LYS B 381 -25.69 14.54 23.69
C LYS B 381 -25.42 13.26 22.93
N TYR B 383 -26.36 9.06 23.16
CA TYR B 383 -27.11 8.00 23.82
C TYR B 383 -26.15 6.98 24.40
N ILE B 384 -26.33 6.62 25.66
CA ILE B 384 -25.56 5.52 26.24
C ILE B 384 -26.48 4.30 26.38
N ARG B 385 -27.60 4.45 27.07
CA ARG B 385 -28.50 3.31 27.32
C ARG B 385 -29.79 3.84 27.92
N LYS B 386 -30.72 2.94 28.24
CA LYS B 386 -31.94 3.32 28.94
C LYS B 386 -31.84 2.97 30.41
N SER B 387 -32.64 3.69 31.19
CA SER B 387 -32.82 3.39 32.59
C SER B 387 -33.97 2.38 32.69
N ASN B 388 -34.07 1.71 33.83
CA ASN B 388 -35.12 0.68 34.03
C ASN B 388 -36.56 1.11 33.67
N SER B 389 -36.85 2.41 33.82
CA SER B 389 -38.14 3.01 33.42
C SER B 389 -38.24 3.44 31.93
N GLY B 390 -37.25 3.09 31.10
CA GLY B 390 -37.25 3.44 29.68
C GLY B 390 -36.73 4.83 29.36
N GLU B 391 -36.21 5.52 30.37
CA GLU B 391 -35.68 6.87 30.18
C GLU B 391 -34.35 6.78 29.44
N LYS B 392 -34.28 7.34 28.24
CA LYS B 392 -33.02 7.44 27.52
C LYS B 392 -32.03 8.31 28.32
N LEU B 393 -30.81 7.78 28.51
CA LEU B 393 -29.74 8.46 29.25
C LEU B 393 -28.58 8.86 28.32
N TYR B 394 -27.98 10.02 28.60
CA TYR B 394 -27.00 10.60 27.70
C TYR B 394 -25.71 11.04 28.36
N ASP B 395 -24.63 11.00 27.56
CA ASP B 395 -23.32 11.54 27.91
C ASP B 395 -23.32 12.87 27.17
N ILE B 396 -22.42 13.76 27.56
CA ILE B 396 -22.19 15.04 26.85
C ILE B 396 -20.84 14.96 26.15
N VAL B 397 -20.84 15.13 24.84
CA VAL B 397 -19.61 14.96 24.07
C VAL B 397 -19.43 16.11 23.12
N PRO B 398 -18.17 16.57 22.93
CA PRO B 398 -17.86 17.57 21.92
C PRO B 398 -17.63 16.88 20.62
N VAL B 399 -17.95 17.56 19.53
CA VAL B 399 -17.90 16.97 18.22
C VAL B 399 -17.31 18.00 17.29
N LEU B 400 -16.15 17.70 16.71
CA LEU B 400 -15.48 18.62 15.82
C LEU B 400 -16.09 18.40 14.45
N ASN B 401 -16.67 19.46 13.90
CA ASN B 401 -17.21 19.44 12.56
C ASN B 401 -16.09 19.93 11.66
N THR B 402 -15.68 19.11 10.69
CA THR B 402 -14.51 19.41 9.86
C THR B 402 -14.92 20.36 8.73
N ARG B 403 -13.94 20.91 8.03
CA ARG B 403 -14.20 21.67 6.82
C ARG B 403 -15.12 20.96 5.81
N GLN B 404 -15.04 19.63 5.80
CA GLN B 404 -15.77 18.85 4.82
C GLN B 404 -17.22 18.56 5.27
N GLY B 405 -17.52 18.90 6.53
CA GLY B 405 -18.84 18.69 7.14
C GLY B 405 -18.97 17.41 7.95
N ASP B 406 -17.86 16.71 8.15
CA ASP B 406 -17.80 15.46 8.88
C ASP B 406 -17.86 15.74 10.39
N LYS B 407 -18.56 14.85 11.12
CA LYS B 407 -18.62 14.96 12.58
C LYS B 407 -17.63 14.01 13.20
N LEU B 408 -16.57 14.57 13.78
CA LEU B 408 -15.64 13.75 14.53
C LEU B 408 -16.10 13.79 15.99
N ILE B 409 -16.83 12.76 16.42
CA ILE B 409 -17.42 12.70 17.79
C ILE B 409 -16.34 12.25 18.76
N PHE B 410 -16.00 13.06 19.76
CA PHE B 410 -14.97 12.71 20.75
C PHE B 410 -15.65 12.02 21.91
N SER B 411 -15.74 10.70 21.85
CA SER B 411 -16.58 9.93 22.76
C SER B 411 -15.80 9.49 23.98
N ASN B 412 -16.51 9.17 25.06
CA ASN B 412 -15.90 8.74 26.33
C ASN B 412 -16.33 7.31 26.63
N PRO B 413 -15.57 6.32 26.14
CA PRO B 413 -16.04 4.93 26.27
C PRO B 413 -16.43 4.54 27.69
N ASP B 414 -15.73 5.09 28.68
CA ASP B 414 -16.03 4.79 30.08
CA ASP B 414 -16.01 4.83 30.10
C ASP B 414 -17.30 5.50 30.61
N ALA B 415 -18.01 6.23 29.73
CA ALA B 415 -19.26 6.87 30.14
C ALA B 415 -20.29 5.85 30.55
N ALA B 416 -20.30 4.70 29.85
CA ALA B 416 -21.26 3.63 30.12
C ALA B 416 -21.14 3.12 31.54
N SER B 417 -19.97 3.28 32.15
CA SER B 417 -19.72 2.80 33.51
C SER B 417 -20.28 3.76 34.58
N GLN B 418 -20.72 4.94 34.18
CA GLN B 418 -21.34 5.86 35.11
C GLN B 418 -22.71 5.32 35.55
N SER B 419 -23.20 5.75 36.72
CA SER B 419 -24.53 5.33 37.20
C SER B 419 -25.67 6.02 36.46
N ASP B 420 -26.82 5.36 36.40
CA ASP B 420 -28.02 5.92 35.76
C ASP B 420 -28.30 7.34 36.29
N GLU B 421 -28.19 7.52 37.63
CA GLU B 421 -28.53 8.80 38.26
C GLU B 421 -27.67 9.90 37.62
N GLU B 422 -26.34 9.73 37.58
CA GLU B 422 -25.47 10.80 37.06
C GLU B 422 -25.56 11.04 35.54
N LEU B 423 -25.81 9.98 34.76
CA LEU B 423 -26.07 10.16 33.32
C LEU B 423 -27.36 10.96 33.14
N LYS B 424 -28.39 10.65 33.93
CA LYS B 424 -29.64 11.42 33.92
C LYS B 424 -29.38 12.89 34.20
N ALA B 425 -28.52 13.18 35.19
CA ALA B 425 -28.21 14.56 35.55
C ALA B 425 -27.80 15.39 34.33
N ASN B 426 -27.21 14.75 33.33
CA ASN B 426 -26.85 15.47 32.10
C ASN B 426 -27.97 16.16 31.38
N SER B 427 -29.21 15.76 31.64
CA SER B 427 -30.32 16.41 30.96
C SER B 427 -31.04 17.48 31.80
N ILE B 428 -30.56 17.70 33.01
CA ILE B 428 -30.92 18.88 33.79
C ILE B 428 -30.15 20.05 33.13
N PRO B 429 -30.85 21.06 32.61
CA PRO B 429 -30.16 22.17 31.93
C PRO B 429 -28.96 22.79 32.67
N ALA B 430 -29.14 23.13 33.95
CA ALA B 430 -28.05 23.69 34.78
C ALA B 430 -26.80 22.85 34.68
N THR B 431 -26.97 21.53 34.67
CA THR B 431 -25.83 20.62 34.63
C THR B 431 -25.28 20.55 33.20
N PHE B 432 -26.18 20.49 32.24
CA PHE B 432 -25.76 20.39 30.86
C PHE B 432 -24.84 21.56 30.50
N LEU B 433 -25.30 22.76 30.80
CA LEU B 433 -24.53 23.96 30.53
C LEU B 433 -23.22 23.99 31.34
N THR B 434 -23.25 23.61 32.62
CA THR B 434 -22.03 23.63 33.44
C THR B 434 -20.98 22.73 32.83
N LYS B 435 -21.38 21.51 32.47
CA LYS B 435 -20.45 20.52 31.89
C LYS B 435 -19.97 20.95 30.53
N SER B 436 -20.85 21.59 29.79
CA SER B 436 -20.56 22.10 28.47
C SER B 436 -19.51 23.20 28.55
N ASN B 437 -19.80 24.21 29.36
CA ASN B 437 -18.82 25.22 29.73
C ASN B 437 -17.48 24.61 30.10
N ALA B 438 -17.48 23.54 30.88
CA ALA B 438 -16.22 22.88 31.26
C ALA B 438 -15.51 22.38 30.01
N ILE B 439 -16.27 21.75 29.10
CA ILE B 439 -15.67 21.22 27.89
C ILE B 439 -15.13 22.36 27.01
N LYS B 440 -15.89 23.45 26.88
CA LYS B 440 -15.39 24.62 26.14
C LYS B 440 -14.05 25.17 26.69
N ASP B 441 -13.96 25.27 28.02
CA ASP B 441 -12.74 25.77 28.66
C ASP B 441 -11.56 24.87 28.41
N GLU B 442 -11.75 23.55 28.36
CA GLU B 442 -10.64 22.67 28.08
C GLU B 442 -10.23 22.84 26.61
N LYS B 443 -11.20 22.78 25.69
CA LYS B 443 -10.90 22.82 24.26
C LYS B 443 -10.50 24.21 23.74
N SER B 444 -10.90 25.27 24.42
CA SER B 444 -10.51 26.64 24.04
C SER B 444 -8.98 26.85 24.08
N LYS B 445 -8.28 26.04 24.86
CA LYS B 445 -6.83 26.10 24.97
C LYS B 445 -6.09 25.69 23.71
N TYR B 446 -6.77 24.88 22.88
CA TYR B 446 -6.22 24.34 21.64
C TYR B 446 -6.94 24.87 20.40
N TYR B 447 -8.25 25.09 20.53
CA TYR B 447 -9.15 25.52 19.42
C TYR B 447 -9.76 26.94 19.57
N GLN B 448 -9.42 27.84 18.67
CA GLN B 448 -10.02 29.17 18.72
C GLN B 448 -11.15 29.29 17.72
N LEU B 449 -11.65 28.16 17.23
CA LEU B 449 -12.83 28.11 16.38
C LEU B 449 -14.12 28.27 17.20
N LYS B 450 -15.25 28.32 16.49
CA LYS B 450 -16.56 28.43 17.12
C LYS B 450 -16.88 27.17 17.93
N ILE B 451 -17.34 27.38 19.15
CA ILE B 451 -17.73 26.31 20.04
C ILE B 451 -19.13 26.63 20.51
N LYS B 452 -20.06 25.72 20.25
CA LYS B 452 -21.45 25.91 20.61
C LYS B 452 -21.93 24.67 21.30
N ALA B 453 -23.03 24.78 22.01
CA ALA B 453 -23.60 23.64 22.72
C ALA B 453 -25.08 23.62 22.43
N ASP B 454 -25.66 22.43 22.42
CA ASP B 454 -27.09 22.33 22.11
C ASP B 454 -27.65 21.10 22.78
N PRO B 455 -28.46 21.29 23.81
CA PRO B 455 -28.94 20.14 24.54
C PRO B 455 -30.02 19.35 23.81
N ASN B 456 -30.57 19.89 22.72
CA ASN B 456 -31.56 19.15 21.93
C ASN B 456 -30.98 18.43 20.69
N LYS B 457 -29.67 18.34 20.57
CA LYS B 457 -29.06 17.53 19.51
C LYS B 457 -28.38 16.26 20.05
N THR B 458 -28.59 15.16 19.36
CA THR B 458 -27.92 13.91 19.71
C THR B 458 -26.99 13.45 18.58
N ILE B 459 -26.03 12.60 18.89
CA ILE B 459 -25.06 12.18 17.88
C ILE B 459 -25.65 11.19 16.87
N ASN B 460 -26.72 10.47 17.25
CA ASN B 460 -27.50 9.64 16.32
C ASN B 460 -28.87 10.29 16.08
N PRO B 461 -28.93 11.39 15.29
CA PRO B 461 -30.25 12.06 15.11
C PRO B 461 -31.21 11.27 14.23
N ILE B 462 -32.51 11.46 14.45
CA ILE B 462 -33.54 10.78 13.65
C ILE B 462 -33.18 10.97 12.16
N ILE B 463 -33.08 12.22 11.70
CA ILE B 463 -32.62 12.51 10.33
C ILE B 463 -31.11 12.86 10.32
N GLN B 464 -30.26 11.90 9.93
CA GLN B 464 -28.79 12.08 9.86
C GLN B 464 -28.38 12.60 8.46
N THR B 465 -27.85 13.82 8.42
CA THR B 465 -27.53 14.54 7.17
C THR B 465 -26.03 14.48 6.76
N THR B 466 -25.22 13.89 7.63
CA THR B 466 -23.77 13.89 7.41
C THR B 466 -23.10 12.62 7.97
N LEU B 467 -21.83 12.50 7.64
CA LEU B 467 -20.99 11.40 8.08
C LEU B 467 -20.51 11.72 9.47
N SER B 468 -20.57 10.74 10.37
CA SER B 468 -20.08 10.90 11.73
CA SER B 468 -20.06 10.91 11.71
C SER B 468 -19.11 9.77 12.06
N PHE B 469 -18.14 10.05 12.91
CA PHE B 469 -17.18 9.06 13.28
C PHE B 469 -16.84 9.24 14.76
N GLN B 470 -16.74 8.13 15.47
CA GLN B 470 -16.39 8.12 16.87
C GLN B 470 -14.91 7.92 17.05
N ILE B 471 -14.31 8.73 17.91
CA ILE B 471 -12.90 8.61 18.27
C ILE B 471 -12.88 8.64 19.80
N ASN B 472 -12.63 7.48 20.40
CA ASN B 472 -12.52 7.33 21.84
C ASN B 472 -11.30 8.06 22.43
N ASN B 473 -11.46 8.60 23.64
CA ASN B 473 -10.41 9.23 24.41
C ASN B 473 -9.57 10.26 23.63
N VAL B 474 -10.24 11.11 22.88
CA VAL B 474 -9.56 12.24 22.27
C VAL B 474 -9.02 13.10 23.42
N ASP B 475 -7.74 13.42 23.37
CA ASP B 475 -7.06 14.20 24.40
C ASP B 475 -5.91 14.94 23.70
N GLU B 476 -6.05 16.27 23.64
CA GLU B 476 -5.12 17.12 22.91
C GLU B 476 -3.70 17.20 23.50
N LYS B 477 -3.55 16.90 24.79
CA LYS B 477 -2.22 16.90 25.46
C LYS B 477 -1.33 15.77 24.96
N GLY B 478 -1.95 14.64 24.58
CA GLY B 478 -1.19 13.41 24.31
C GLY B 478 -0.72 13.20 22.88
N TYR B 480 1.79 13.86 19.24
CA TYR B 480 3.04 14.11 18.55
C TYR B 480 2.67 14.41 17.10
N LYS B 481 3.65 14.82 16.30
CA LYS B 481 3.42 15.12 14.91
C LYS B 481 4.64 14.83 14.04
N PHE B 482 4.39 14.57 12.75
CA PHE B 482 5.45 14.53 11.75
C PHE B 482 4.89 14.77 10.36
N LYS B 483 5.76 15.25 9.48
CA LYS B 483 5.40 15.55 8.13
C LYS B 483 6.00 14.48 7.27
N ASN B 484 5.17 13.81 6.46
CA ASN B 484 5.62 12.89 5.42
C ASN B 484 6.18 13.81 4.35
N ALA B 485 7.48 13.73 4.13
CA ALA B 485 8.14 14.69 3.25
C ALA B 485 7.91 14.40 1.77
N ASN B 486 7.42 13.21 1.43
CA ASN B 486 7.03 12.92 0.05
C ASN B 486 5.76 13.66 -0.32
N THR B 487 4.82 13.70 0.60
CA THR B 487 3.49 14.19 0.29
C THR B 487 3.23 15.62 0.86
N ASN B 488 4.07 16.03 1.82
CA ASN B 488 3.85 17.28 2.55
C ASN B 488 2.54 17.28 3.32
N ILE B 489 2.22 16.14 3.92
CA ILE B 489 1.09 16.02 4.82
C ILE B 489 1.63 15.87 6.24
N TRP B 490 1.09 16.68 7.14
CA TRP B 490 1.35 16.56 8.56
C TRP B 490 0.40 15.51 9.13
N TYR B 491 0.93 14.61 9.95
CA TYR B 491 0.14 13.66 10.68
C TYR B 491 0.33 13.96 12.17
N ILE B 492 -0.74 14.42 12.81
CA ILE B 492 -0.78 14.75 14.21
C ILE B 492 -1.51 13.60 14.87
N TYR B 493 -0.78 12.76 15.59
CA TYR B 493 -1.28 11.49 16.15
C TYR B 493 -1.19 11.37 17.70
N ASN B 494 -2.07 10.58 18.30
CA ASN B 494 -2.06 10.22 19.70
C ASN B 494 -1.73 8.73 19.86
N PRO B 495 -0.54 8.43 20.36
CA PRO B 495 -0.11 7.04 20.47
C PRO B 495 -0.66 6.27 21.67
N THR B 496 -1.57 6.87 22.44
CA THR B 496 -2.25 6.15 23.51
C THR B 496 -3.62 5.72 23.02
N SER B 497 -4.33 6.66 22.40
CA SER B 497 -5.70 6.43 21.93
C SER B 497 -5.79 5.90 20.52
N TYR B 499 -5.58 7.49 17.42
CA TYR B 499 -6.28 8.30 16.44
C TYR B 499 -5.31 9.32 15.88
N CYS B 500 -5.64 9.91 14.74
CA CYS B 500 -4.73 10.82 14.07
C CYS B 500 -5.48 11.76 13.17
N PHE B 501 -5.02 13.01 13.16
CA PHE B 501 -5.52 14.05 12.26
C PHE B 501 -4.46 14.36 11.23
N ALA B 502 -4.84 14.44 9.95
CA ALA B 502 -3.89 14.67 8.88
C ALA B 502 -4.27 15.95 8.13
N TYR B 503 -3.27 16.68 7.63
CA TYR B 503 -3.55 17.81 6.77
C TYR B 503 -2.37 18.24 5.90
N TYR B 504 -2.68 18.60 4.67
CA TYR B 504 -1.68 19.18 3.77
C TYR B 504 -1.00 20.39 4.44
N ASP B 505 0.32 20.46 4.32
CA ASP B 505 1.12 21.51 4.98
C ASP B 505 0.96 22.87 4.34
N ASP B 506 -0.16 23.52 4.64
CA ASP B 506 -0.38 24.91 4.29
C ASP B 506 -1.04 25.51 5.52
N ASP B 507 -0.41 26.49 6.15
CA ASP B 507 -0.93 27.01 7.40
C ASP B 507 -2.42 27.38 7.37
N TYR B 508 -3.00 27.65 6.20
CA TYR B 508 -4.39 28.10 6.16
C TYR B 508 -5.34 27.04 6.75
N ILE B 509 -4.97 25.77 6.61
CA ILE B 509 -5.83 24.70 7.10
C ILE B 509 -5.96 24.79 8.63
N PRO B 510 -4.85 24.69 9.39
CA PRO B 510 -4.93 24.88 10.85
C PRO B 510 -5.60 26.19 11.27
N ASP B 511 -5.32 27.29 10.56
CA ASP B 511 -6.01 28.57 10.83
C ASP B 511 -7.52 28.43 10.72
N ALA B 512 -7.98 27.61 9.77
CA ALA B 512 -9.40 27.38 9.58
C ALA B 512 -9.98 26.79 10.85
N TYR B 513 -9.21 25.91 11.51
CA TYR B 513 -9.63 25.26 12.76
C TYR B 513 -9.29 26.08 14.02
N GLY B 514 -8.55 27.18 13.84
CA GLY B 514 -8.02 27.95 14.96
C GLY B 514 -7.03 27.16 15.80
N ILE B 515 -6.21 26.30 15.16
CA ILE B 515 -5.31 25.35 15.88
C ILE B 515 -3.80 25.50 15.60
N LEU B 516 -3.44 26.54 14.82
CA LEU B 516 -2.03 26.75 14.37
C LEU B 516 -1.12 26.91 15.58
N ASP B 517 -1.57 27.71 16.54
CA ASP B 517 -0.80 27.94 17.77
C ASP B 517 -0.55 26.62 18.47
N TRP B 518 -1.60 25.83 18.60
CA TRP B 518 -1.50 24.54 19.24
C TRP B 518 -0.63 23.61 18.42
N VAL B 519 -1.01 23.41 17.17
CA VAL B 519 -0.27 22.48 16.33
C VAL B 519 1.22 22.83 16.30
N ASN B 520 1.57 24.12 16.19
CA ASN B 520 2.99 24.54 16.15
C ASN B 520 3.80 23.99 17.31
N GLY B 521 3.24 24.05 18.51
CA GLY B 521 3.89 23.49 19.70
C GLY B 521 3.82 21.98 19.90
N ILE B 522 3.16 21.23 19.01
CA ILE B 522 3.16 19.78 19.18
C ILE B 522 4.57 19.25 18.86
N PRO B 523 5.12 18.40 19.76
CA PRO B 523 6.47 17.92 19.53
C PRO B 523 6.54 16.98 18.32
N ILE B 524 7.65 17.05 17.59
CA ILE B 524 7.90 16.21 16.43
C ILE B 524 8.44 14.84 16.82
N LYS B 525 7.76 13.80 16.37
CA LYS B 525 8.24 12.44 16.54
C LYS B 525 7.66 11.61 15.40
N ALA B 526 8.54 11.01 14.60
CA ALA B 526 8.14 10.26 13.41
C ALA B 526 7.61 8.90 13.79
N VAL B 527 6.69 8.40 12.98
CA VAL B 527 6.28 7.01 13.00
C VAL B 527 6.32 6.64 11.53
N THR B 528 6.47 5.35 11.22
CA THR B 528 6.49 4.91 9.83
C THR B 528 5.06 5.08 9.30
N THR B 530 3.55 2.91 7.51
CA THR B 530 2.93 1.62 7.69
C THR B 530 2.34 1.53 9.08
N THR B 531 3.11 1.87 10.10
CA THR B 531 2.63 1.81 11.48
C THR B 531 1.42 2.70 11.68
N LEU B 532 1.48 3.87 11.07
CA LEU B 532 0.41 4.82 11.14
C LEU B 532 -0.89 4.22 10.57
N TYR B 533 -0.88 3.75 9.32
CA TYR B 533 -2.15 3.23 8.73
C TYR B 533 -2.58 1.83 9.21
N GLN B 534 -1.67 1.06 9.78
CA GLN B 534 -2.01 -0.22 10.32
C GLN B 534 -2.60 -0.09 11.73
N ARG B 535 -2.21 0.96 12.47
CA ARG B 535 -2.56 1.03 13.87
C ARG B 535 -3.38 2.26 14.28
N TYR B 536 -3.66 3.16 13.34
CA TYR B 536 -4.36 4.39 13.67
C TYR B 536 -5.56 4.54 12.76
N LYS B 537 -6.53 5.27 13.26
CA LYS B 537 -7.63 5.77 12.47
C LYS B 537 -7.24 7.17 12.09
N ILE B 538 -7.13 7.43 10.79
CA ILE B 538 -6.64 8.73 10.29
C ILE B 538 -7.78 9.56 9.72
N TYR B 539 -7.86 10.82 10.13
CA TYR B 539 -8.90 11.72 9.63
C TYR B 539 -8.29 13.00 9.09
N GLY B 540 -8.76 13.40 7.93
CA GLY B 540 -8.30 14.59 7.27
C GLY B 540 -9.11 15.80 7.70
N LEU B 541 -8.39 16.86 8.04
CA LEU B 541 -8.98 18.10 8.46
C LEU B 541 -9.24 18.99 7.25
#